data_8UV1
#
_entry.id   8UV1
#
_cell.length_a   49.958
_cell.length_b   105.022
_cell.length_c   193.038
_cell.angle_alpha   90.00
_cell.angle_beta   90.00
_cell.angle_gamma   90.00
#
_symmetry.space_group_name_H-M   'P 21 21 21'
#
loop_
_entity.id
_entity.type
_entity.pdbx_description
1 polymer 'Tyrosyl-DNA phosphodiesterase 1'
2 non-polymer '8-(fluorosulfonyl)-4-oxo-1,4-dihydroquinoline-3-carboxylic acid'
3 non-polymer 1,2-ETHANEDIOL
4 water water
#
_entity_poly.entity_id   1
_entity_poly.type   'polypeptide(L)'
_entity_poly.pdbx_seq_one_letter_code
;SGEGQDIWDMLDKGNPFQFYLTRVSGVKPKYNSGALHIKDILSPLFGTLVSSAQFNYCFDVDWLVKQYPPEFRKKPILLV
HGDKREAKAHLHAQAKPYENISLCQAKLDIAFGTHHTKMMLLLYEEGLRVVIHTSNLIHADWHQKTQGIWLSPLYPRIAD
GTHKSGESPTHFKADLISYLMAYNAPSLKEWIDVIHKHDLSETNVYLIGSTPGRFQGSQKDNWGHFRLKKLLKDHASSMP
NAESWPVVGQFSSVGSLGADESKWLCSEFKESMLTLGKESKTPGKSSVPLYLIYPSVENVRTSLEGYPAGGSLPYSIQTA
EKQNWLHSYFHKWSAETSGRSNAMPHIKTYMRPSPDFSKIAWFLVTSANLSKAAWGALEKNGTQLMIRSYELGVLFLPSA
FGLDSFKVKQKFFAGSQEPMATFPVPYDLPPELYGSKDRPWIWNIPYVKAPDTHGNMWVPS
;
_entity_poly.pdbx_strand_id   A,B
#
loop_
_chem_comp.id
_chem_comp.type
_chem_comp.name
_chem_comp.formula
EDO non-polymer 1,2-ETHANEDIOL 'C2 H6 O2'
XK6 non-polymer '8-(fluorosulfonyl)-4-oxo-1,4-dihydroquinoline-3-carboxylic acid' 'C10 H6 F N O5 S'
#
# COMPACT_ATOMS: atom_id res chain seq x y z
N ASN A 15 3.66 4.63 -23.65
CA ASN A 15 2.46 4.00 -23.10
C ASN A 15 2.64 3.64 -21.63
N PRO A 16 1.57 3.73 -20.85
CA PRO A 16 1.70 3.56 -19.39
C PRO A 16 1.89 2.12 -18.95
N PHE A 17 1.46 1.12 -19.72
CA PHE A 17 1.48 -0.25 -19.23
C PHE A 17 2.83 -0.92 -19.41
N GLN A 18 3.58 -0.54 -20.44
CA GLN A 18 4.90 -1.13 -20.70
C GLN A 18 4.78 -2.65 -20.82
N PHE A 19 3.72 -3.08 -21.49
CA PHE A 19 3.45 -4.49 -21.75
C PHE A 19 3.72 -4.74 -23.24
N TYR A 20 4.63 -5.67 -23.51
CA TYR A 20 5.14 -5.88 -24.87
C TYR A 20 5.02 -7.35 -25.26
N LEU A 21 4.91 -7.60 -26.56
CA LEU A 21 5.08 -8.94 -27.09
C LEU A 21 6.51 -9.10 -27.60
N THR A 22 7.00 -10.34 -27.61
CA THR A 22 8.25 -10.61 -28.30
C THR A 22 8.06 -10.49 -29.80
N ARG A 23 9.16 -10.24 -30.50
CA ARG A 23 9.13 -10.18 -31.95
C ARG A 23 8.91 -11.57 -32.53
N VAL A 24 8.18 -11.63 -33.64
CA VAL A 24 7.86 -12.89 -34.32
C VAL A 24 8.45 -12.84 -35.71
N SER A 25 9.31 -13.80 -36.02
N SER A 25 9.31 -13.80 -36.02
CA SER A 25 9.88 -13.87 -37.37
CA SER A 25 9.89 -13.89 -37.36
C SER A 25 8.83 -14.41 -38.33
C SER A 25 8.83 -14.40 -38.33
N GLY A 26 8.45 -13.57 -39.30
CA GLY A 26 7.48 -13.94 -40.31
C GLY A 26 6.24 -13.06 -40.37
N VAL A 27 5.90 -12.35 -39.30
CA VAL A 27 4.78 -11.41 -39.39
C VAL A 27 5.24 -10.16 -40.12
N LYS A 28 4.28 -9.41 -40.67
CA LYS A 28 4.62 -8.18 -41.36
C LYS A 28 5.13 -7.16 -40.35
N PRO A 29 5.96 -6.20 -40.82
CA PRO A 29 6.61 -5.27 -39.88
C PRO A 29 5.65 -4.55 -38.94
N LYS A 30 4.43 -4.26 -39.42
CA LYS A 30 3.42 -3.61 -38.59
C LYS A 30 3.20 -4.33 -37.27
N TYR A 31 3.34 -5.66 -37.25
CA TYR A 31 3.07 -6.42 -36.04
C TYR A 31 4.30 -6.64 -35.17
N ASN A 32 5.48 -6.18 -35.60
CA ASN A 32 6.67 -6.20 -34.76
C ASN A 32 7.13 -4.83 -34.29
N SER A 33 6.58 -3.76 -34.86
CA SER A 33 7.13 -2.43 -34.60
C SER A 33 7.07 -2.08 -33.12
N GLY A 34 6.01 -2.50 -32.43
CA GLY A 34 5.96 -2.28 -30.99
C GLY A 34 6.31 -3.51 -30.16
N ALA A 35 7.07 -4.44 -30.73
CA ALA A 35 7.47 -5.66 -30.04
C ALA A 35 8.94 -5.59 -29.70
N LEU A 36 9.40 -6.48 -28.83
CA LEU A 36 10.77 -6.46 -28.34
C LEU A 36 11.44 -7.81 -28.51
N HIS A 37 12.66 -7.80 -29.03
CA HIS A 37 13.50 -8.99 -29.01
C HIS A 37 14.44 -8.90 -27.81
N ILE A 38 14.93 -10.06 -27.36
CA ILE A 38 15.82 -10.07 -26.20
C ILE A 38 17.02 -9.16 -26.44
N LYS A 39 17.52 -9.12 -27.68
CA LYS A 39 18.64 -8.22 -27.98
C LYS A 39 18.28 -6.77 -27.74
N ASP A 40 17.00 -6.40 -27.98
CA ASP A 40 16.58 -5.04 -27.67
C ASP A 40 16.62 -4.77 -26.17
N ILE A 41 16.11 -5.72 -25.37
CA ILE A 41 16.02 -5.53 -23.92
C ILE A 41 17.41 -5.34 -23.33
N LEU A 42 18.41 -6.04 -23.86
CA LEU A 42 19.75 -6.02 -23.29
C LEU A 42 20.64 -4.95 -23.92
N SER A 43 20.12 -4.20 -24.87
N SER A 43 20.14 -4.20 -24.89
CA SER A 43 20.91 -3.24 -25.64
CA SER A 43 20.96 -3.26 -25.64
C SER A 43 21.43 -2.13 -24.74
C SER A 43 21.48 -2.15 -24.74
N PRO A 44 22.55 -1.51 -25.10
N PRO A 44 22.58 -1.50 -25.12
CA PRO A 44 23.07 -0.39 -24.29
CA PRO A 44 23.09 -0.37 -24.31
C PRO A 44 22.11 0.78 -24.22
C PRO A 44 22.11 0.78 -24.22
N LEU A 45 21.18 0.90 -25.16
CA LEU A 45 20.18 1.97 -25.07
C LEU A 45 19.29 1.80 -23.86
N PHE A 46 19.11 0.57 -23.37
CA PHE A 46 18.30 0.34 -22.18
C PHE A 46 19.07 0.58 -20.89
N GLY A 47 20.38 0.71 -20.94
CA GLY A 47 21.19 0.94 -19.77
C GLY A 47 22.57 0.33 -19.94
N THR A 48 23.53 0.85 -19.16
CA THR A 48 24.91 0.39 -19.19
C THR A 48 25.05 -0.72 -18.15
N LEU A 49 25.04 -1.96 -18.63
CA LEU A 49 24.97 -3.11 -17.74
C LEU A 49 26.23 -3.26 -16.88
N VAL A 50 26.00 -3.46 -15.59
N VAL A 50 26.04 -3.59 -15.60
CA VAL A 50 27.03 -3.81 -14.63
CA VAL A 50 27.19 -3.98 -14.78
C VAL A 50 26.99 -5.30 -14.31
C VAL A 50 27.01 -5.42 -14.30
N SER A 51 25.78 -5.86 -14.19
N SER A 51 25.77 -5.89 -14.17
CA SER A 51 25.57 -7.28 -13.92
CA SER A 51 25.50 -7.24 -13.70
C SER A 51 24.08 -7.56 -14.13
C SER A 51 24.03 -7.56 -13.94
N SER A 52 23.74 -8.85 -14.12
CA SER A 52 22.36 -9.24 -14.35
C SER A 52 22.08 -10.57 -13.69
N ALA A 53 20.81 -10.81 -13.40
CA ALA A 53 20.31 -12.11 -12.97
C ALA A 53 19.26 -12.55 -13.97
N GLN A 54 19.35 -13.80 -14.40
CA GLN A 54 18.38 -14.38 -15.33
C GLN A 54 17.68 -15.52 -14.60
N PHE A 55 16.44 -15.26 -14.15
CA PHE A 55 15.58 -16.29 -13.61
C PHE A 55 14.90 -16.99 -14.76
N ASN A 56 14.99 -18.32 -14.83
CA ASN A 56 14.23 -18.96 -15.91
C ASN A 56 14.09 -20.45 -15.63
N TYR A 57 13.55 -21.16 -16.61
CA TYR A 57 13.34 -22.60 -16.55
C TYR A 57 14.34 -23.33 -17.44
N CYS A 58 14.33 -23.03 -18.74
N CYS A 58 14.35 -22.99 -18.73
CA CYS A 58 15.25 -23.63 -19.71
CA CYS A 58 15.23 -23.60 -19.71
C CYS A 58 16.23 -22.57 -20.21
C CYS A 58 16.23 -22.55 -20.22
N PHE A 59 17.49 -22.96 -20.36
CA PHE A 59 18.58 -22.07 -20.78
C PHE A 59 19.39 -22.71 -21.90
N ASP A 60 19.74 -21.90 -22.90
CA ASP A 60 20.82 -22.20 -23.86
C ASP A 60 21.88 -21.15 -23.58
N VAL A 61 22.95 -21.54 -22.89
CA VAL A 61 23.86 -20.54 -22.36
C VAL A 61 24.63 -19.86 -23.50
N ASP A 62 25.11 -20.65 -24.47
CA ASP A 62 25.83 -20.07 -25.60
C ASP A 62 24.97 -19.06 -26.31
N TRP A 63 23.70 -19.41 -26.56
CA TRP A 63 22.77 -18.49 -27.20
C TRP A 63 22.55 -17.26 -26.34
N LEU A 64 22.33 -17.46 -25.04
CA LEU A 64 22.03 -16.34 -24.13
C LEU A 64 23.14 -15.30 -24.13
N VAL A 65 24.40 -15.75 -23.98
CA VAL A 65 25.50 -14.80 -23.93
C VAL A 65 25.57 -13.99 -25.21
N LYS A 66 25.30 -14.63 -26.36
CA LYS A 66 25.31 -13.90 -27.61
C LYS A 66 24.20 -12.86 -27.69
N GLN A 67 23.16 -12.94 -26.85
CA GLN A 67 22.11 -11.92 -26.87
C GLN A 67 22.52 -10.66 -26.12
N TYR A 68 23.54 -10.72 -25.30
CA TYR A 68 24.04 -9.52 -24.69
C TYR A 68 24.91 -8.76 -25.69
N PRO A 69 24.94 -7.43 -25.60
CA PRO A 69 25.88 -6.66 -26.43
C PRO A 69 27.31 -7.14 -26.20
N PRO A 70 28.14 -7.17 -27.26
CA PRO A 70 29.53 -7.65 -27.09
C PRO A 70 30.26 -7.00 -25.92
N GLU A 71 30.08 -5.68 -25.74
CA GLU A 71 30.76 -4.96 -24.67
C GLU A 71 30.27 -5.36 -23.29
N PHE A 72 29.14 -6.05 -23.16
CA PHE A 72 28.62 -6.46 -21.86
C PHE A 72 28.74 -7.96 -21.62
N ARG A 73 29.33 -8.72 -22.54
CA ARG A 73 29.27 -10.17 -22.42
C ARG A 73 30.13 -10.72 -21.28
N LYS A 74 30.98 -9.91 -20.67
CA LYS A 74 31.84 -10.39 -19.60
C LYS A 74 31.39 -9.90 -18.23
N LYS A 75 30.31 -9.14 -18.16
CA LYS A 75 29.76 -8.72 -16.89
C LYS A 75 29.15 -9.93 -16.18
N PRO A 76 29.16 -9.93 -14.84
CA PRO A 76 28.58 -11.07 -14.10
C PRO A 76 27.15 -11.35 -14.50
N ILE A 77 26.83 -12.65 -14.65
CA ILE A 77 25.48 -13.13 -14.89
C ILE A 77 25.17 -14.23 -13.87
N LEU A 78 24.04 -14.09 -13.17
CA LEU A 78 23.55 -15.13 -12.28
C LEU A 78 22.40 -15.85 -12.98
N LEU A 79 22.50 -17.16 -13.13
CA LEU A 79 21.42 -17.96 -13.69
C LEU A 79 20.66 -18.62 -12.53
N VAL A 80 19.38 -18.30 -12.38
CA VAL A 80 18.55 -18.86 -11.32
C VAL A 80 17.63 -19.88 -11.94
N HIS A 81 17.78 -21.15 -11.53
CA HIS A 81 17.16 -22.28 -12.20
C HIS A 81 16.64 -23.26 -11.15
N GLY A 82 15.93 -24.29 -11.61
CA GLY A 82 15.46 -25.33 -10.69
C GLY A 82 15.99 -26.74 -10.93
N ASP A 83 17.01 -26.88 -11.76
CA ASP A 83 17.44 -28.22 -12.20
C ASP A 83 18.13 -28.98 -11.08
N LYS A 84 17.98 -30.32 -11.13
CA LYS A 84 18.61 -31.21 -10.17
C LYS A 84 19.37 -32.30 -10.91
N ARG A 85 20.29 -32.94 -10.19
CA ARG A 85 20.93 -34.20 -10.62
C ARG A 85 21.57 -33.99 -11.99
N GLU A 86 21.34 -34.86 -12.98
CA GLU A 86 22.06 -34.75 -14.23
C GLU A 86 21.65 -33.50 -15.00
N ALA A 87 20.39 -33.10 -14.91
CA ALA A 87 19.95 -31.85 -15.52
C ALA A 87 20.78 -30.68 -15.00
N LYS A 88 21.00 -30.62 -13.68
CA LYS A 88 21.86 -29.59 -13.09
C LYS A 88 23.28 -29.72 -13.62
N ALA A 89 23.79 -30.94 -13.73
CA ALA A 89 25.13 -31.15 -14.27
C ALA A 89 25.23 -30.62 -15.70
N HIS A 90 24.18 -30.77 -16.50
CA HIS A 90 24.25 -30.28 -17.88
C HIS A 90 24.27 -28.76 -17.92
N LEU A 91 23.51 -28.11 -17.03
CA LEU A 91 23.51 -26.65 -17.01
C LEU A 91 24.87 -26.10 -16.60
N HIS A 92 25.48 -26.69 -15.56
CA HIS A 92 26.82 -26.27 -15.17
C HIS A 92 27.81 -26.47 -16.31
N ALA A 93 27.68 -27.56 -17.05
CA ALA A 93 28.59 -27.80 -18.17
C ALA A 93 28.41 -26.74 -19.26
N GLN A 94 27.17 -26.33 -19.53
CA GLN A 94 26.93 -25.24 -20.47
C GLN A 94 27.59 -23.95 -20.01
N ALA A 95 27.57 -23.69 -18.71
CA ALA A 95 28.03 -22.40 -18.19
C ALA A 95 29.54 -22.36 -17.97
N LYS A 96 30.18 -23.51 -17.74
CA LYS A 96 31.58 -23.54 -17.33
C LYS A 96 32.53 -22.79 -18.27
N PRO A 97 32.32 -22.75 -19.59
CA PRO A 97 33.22 -21.94 -20.43
C PRO A 97 33.20 -20.46 -20.12
N TYR A 98 32.17 -19.96 -19.43
CA TYR A 98 31.99 -18.53 -19.18
C TYR A 98 32.31 -18.24 -17.72
N GLU A 99 33.51 -17.68 -17.48
CA GLU A 99 33.97 -17.45 -16.10
C GLU A 99 33.07 -16.50 -15.34
N ASN A 100 32.36 -15.62 -16.03
CA ASN A 100 31.51 -14.61 -15.39
C ASN A 100 30.13 -15.12 -15.02
N ILE A 101 29.80 -16.37 -15.31
CA ILE A 101 28.46 -16.88 -15.06
C ILE A 101 28.49 -17.67 -13.75
N SER A 102 27.60 -17.29 -12.83
CA SER A 102 27.32 -18.06 -11.62
C SER A 102 25.93 -18.65 -11.70
N LEU A 103 25.68 -19.67 -10.89
CA LEU A 103 24.40 -20.34 -10.89
C LEU A 103 23.81 -20.41 -9.49
N CYS A 104 22.49 -20.25 -9.41
CA CYS A 104 21.73 -20.39 -8.17
C CYS A 104 20.64 -21.43 -8.38
N GLN A 105 20.71 -22.54 -7.65
CA GLN A 105 19.74 -23.62 -7.77
C GLN A 105 18.61 -23.37 -6.79
N ALA A 106 17.43 -23.06 -7.31
CA ALA A 106 16.27 -22.77 -6.46
C ALA A 106 15.84 -24.04 -5.73
N LYS A 107 15.65 -23.96 -4.42
CA LYS A 107 15.26 -25.14 -3.68
C LYS A 107 13.84 -25.54 -4.03
N LEU A 108 13.63 -26.85 -4.27
CA LEU A 108 12.35 -27.40 -4.70
C LEU A 108 12.06 -28.58 -3.80
N ASP A 109 11.64 -28.29 -2.56
CA ASP A 109 11.49 -29.30 -1.54
C ASP A 109 10.12 -29.98 -1.56
N ILE A 110 9.27 -29.67 -2.53
CA ILE A 110 8.00 -30.35 -2.69
C ILE A 110 8.04 -31.11 -4.01
N ALA A 111 7.60 -32.36 -3.99
CA ALA A 111 7.66 -33.21 -5.17
C ALA A 111 6.98 -32.55 -6.37
N PHE A 112 7.55 -32.79 -7.55
CA PHE A 112 7.05 -32.34 -8.84
C PHE A 112 7.07 -30.83 -9.00
N GLY A 113 7.77 -30.11 -8.13
CA GLY A 113 7.89 -28.68 -8.29
C GLY A 113 8.93 -28.30 -9.32
N THR A 114 8.76 -27.13 -9.93
CA THR A 114 9.69 -26.62 -10.92
C THR A 114 9.92 -25.14 -10.67
N HIS A 115 10.96 -24.60 -11.31
CA HIS A 115 11.24 -23.17 -11.28
C HIS A 115 10.85 -22.57 -12.63
N HIS A 116 9.63 -22.05 -12.73
CA HIS A 116 9.11 -21.52 -13.99
C HIS A 116 9.28 -20.01 -14.13
N THR A 117 9.49 -19.29 -13.03
CA THR A 117 9.61 -17.83 -13.06
C THR A 117 10.59 -17.38 -14.14
N LYS A 118 10.15 -16.42 -14.96
CA LYS A 118 10.98 -15.76 -15.96
C LYS A 118 11.15 -14.29 -15.60
N MET A 119 12.35 -13.92 -15.16
CA MET A 119 12.59 -12.55 -14.74
C MET A 119 14.04 -12.18 -15.02
N MET A 120 14.27 -10.95 -15.46
CA MET A 120 15.62 -10.39 -15.55
C MET A 120 15.75 -9.30 -14.52
N LEU A 121 16.83 -9.33 -13.74
CA LEU A 121 17.24 -8.19 -12.95
C LEU A 121 18.46 -7.61 -13.64
N LEU A 122 18.38 -6.35 -14.03
CA LEU A 122 19.40 -5.71 -14.86
C LEU A 122 19.94 -4.52 -14.09
N LEU A 123 21.15 -4.66 -13.54
CA LEU A 123 21.78 -3.57 -12.79
C LEU A 123 22.63 -2.75 -13.75
N TYR A 124 22.39 -1.44 -13.80
CA TYR A 124 23.10 -0.55 -14.70
C TYR A 124 23.92 0.46 -13.91
N GLU A 125 24.84 1.13 -14.62
CA GLU A 125 25.48 2.31 -14.06
C GLU A 125 24.46 3.38 -13.67
N GLU A 126 23.34 3.45 -14.40
CA GLU A 126 22.33 4.48 -14.27
C GLU A 126 21.18 4.11 -13.33
N GLY A 127 21.09 2.86 -12.90
CA GLY A 127 19.97 2.45 -12.07
C GLY A 127 19.70 0.95 -12.22
N LEU A 128 18.44 0.58 -12.02
CA LEU A 128 18.03 -0.83 -12.00
C LEU A 128 16.79 -0.99 -12.86
N ARG A 129 16.71 -2.11 -13.59
CA ARG A 129 15.48 -2.45 -14.30
C ARG A 129 15.10 -3.89 -13.96
N VAL A 130 13.79 -4.13 -13.87
CA VAL A 130 13.22 -5.44 -13.65
C VAL A 130 12.40 -5.80 -14.89
N VAL A 131 12.59 -7.01 -15.41
CA VAL A 131 11.83 -7.51 -16.56
C VAL A 131 11.16 -8.80 -16.14
N ILE A 132 9.84 -8.86 -16.22
CA ILE A 132 9.08 -10.06 -15.90
C ILE A 132 8.38 -10.49 -17.18
N HIS A 133 8.64 -11.72 -17.62
CA HIS A 133 8.26 -12.11 -18.98
C HIS A 133 7.89 -13.59 -18.98
N THR A 134 7.67 -14.16 -20.18
CA THR A 134 7.20 -15.54 -20.26
C THR A 134 8.11 -16.48 -21.06
N SER A 135 9.23 -16.01 -21.58
CA SER A 135 10.04 -16.79 -22.52
C SER A 135 11.22 -17.48 -21.86
N ASN A 136 11.43 -18.75 -22.21
CA ASN A 136 12.70 -19.41 -21.87
C ASN A 136 13.86 -18.73 -22.59
N LEU A 137 15.08 -18.99 -22.11
CA LEU A 137 16.28 -18.39 -22.71
C LEU A 137 16.90 -19.35 -23.73
N ILE A 138 16.08 -19.63 -24.75
CA ILE A 138 16.46 -20.48 -25.87
C ILE A 138 15.91 -19.84 -27.14
N HIS A 139 16.56 -20.16 -28.27
CA HIS A 139 16.23 -19.47 -29.52
C HIS A 139 14.76 -19.60 -29.88
N ALA A 140 14.19 -20.79 -29.73
CA ALA A 140 12.84 -21.02 -30.26
C ALA A 140 11.79 -20.19 -29.52
N ASP A 141 12.03 -19.85 -28.25
CA ASP A 141 11.02 -19.14 -27.49
C ASP A 141 10.88 -17.69 -27.89
N TRP A 142 11.86 -17.14 -28.61
CA TRP A 142 11.82 -15.76 -29.07
C TRP A 142 11.66 -15.68 -30.58
N HIS A 143 11.41 -16.81 -31.24
CA HIS A 143 11.43 -16.87 -32.70
C HIS A 143 10.02 -16.68 -33.27
N GLN A 144 9.15 -17.66 -33.07
CA GLN A 144 7.82 -17.62 -33.68
C GLN A 144 6.70 -17.94 -32.69
N LYS A 145 6.87 -17.55 -31.43
CA LYS A 145 5.86 -17.76 -30.40
C LYS A 145 5.24 -16.44 -29.98
N THR A 146 4.01 -16.49 -29.45
CA THR A 146 3.45 -15.33 -28.77
C THR A 146 3.90 -15.39 -27.31
N GLN A 147 4.68 -14.39 -26.88
CA GLN A 147 5.22 -14.28 -25.53
C GLN A 147 4.98 -12.86 -25.03
N GLY A 148 4.92 -12.69 -23.71
CA GLY A 148 4.67 -11.40 -23.10
C GLY A 148 5.83 -10.90 -22.25
N ILE A 149 5.96 -9.57 -22.17
CA ILE A 149 7.04 -8.88 -21.47
C ILE A 149 6.46 -7.70 -20.71
N TRP A 150 6.80 -7.57 -19.42
CA TRP A 150 6.61 -6.32 -18.70
C TRP A 150 7.96 -5.70 -18.42
N LEU A 151 8.14 -4.45 -18.86
CA LEU A 151 9.36 -3.68 -18.66
C LEU A 151 9.14 -2.66 -17.55
N SER A 152 9.91 -2.78 -16.48
CA SER A 152 9.83 -1.77 -15.44
C SER A 152 10.47 -0.48 -15.95
N PRO A 153 10.17 0.65 -15.29
CA PRO A 153 10.96 1.86 -15.52
C PRO A 153 12.41 1.62 -15.14
N LEU A 154 13.27 2.53 -15.59
CA LEU A 154 14.60 2.63 -15.02
C LEU A 154 14.50 3.17 -13.59
N TYR A 155 14.79 2.33 -12.61
CA TYR A 155 14.74 2.76 -11.23
C TYR A 155 16.03 3.45 -10.83
N PRO A 156 16.00 4.69 -10.37
CA PRO A 156 17.24 5.34 -9.95
C PRO A 156 17.68 4.86 -8.58
N ARG A 157 18.97 5.06 -8.29
CA ARG A 157 19.46 4.82 -6.94
C ARG A 157 18.91 5.87 -5.98
N ILE A 158 18.58 5.46 -4.76
CA ILE A 158 18.17 6.42 -3.75
C ILE A 158 19.37 7.25 -3.34
N ALA A 159 19.18 8.57 -3.26
CA ALA A 159 20.28 9.48 -2.95
C ALA A 159 20.74 9.30 -1.51
N ASP A 160 22.04 9.53 -1.30
CA ASP A 160 22.61 9.53 0.04
C ASP A 160 21.87 10.51 0.94
N GLY A 161 21.65 10.11 2.19
CA GLY A 161 20.98 10.98 3.13
C GLY A 161 19.52 11.24 2.86
N THR A 162 19.02 10.91 1.67
CA THR A 162 17.59 10.85 1.48
C THR A 162 17.02 9.79 2.41
N HIS A 163 15.80 10.02 2.88
CA HIS A 163 15.14 9.07 3.76
C HIS A 163 13.88 8.58 3.08
N LYS A 164 14.07 7.87 1.97
CA LYS A 164 13.01 7.36 1.13
C LYS A 164 12.92 5.85 1.28
N SER A 165 11.69 5.34 1.32
CA SER A 165 11.52 3.90 1.20
C SER A 165 11.81 3.42 -0.20
N GLY A 166 11.60 4.28 -1.21
CA GLY A 166 11.61 3.78 -2.57
C GLY A 166 10.43 2.89 -2.93
N GLU A 167 9.38 2.90 -2.12
CA GLU A 167 8.25 1.99 -2.30
C GLU A 167 7.17 2.64 -3.17
N SER A 168 6.44 1.81 -3.91
N SER A 168 6.44 1.81 -3.90
CA SER A 168 5.35 2.29 -4.76
CA SER A 168 5.34 2.26 -4.75
C SER A 168 4.01 2.06 -4.07
C SER A 168 4.02 2.08 -4.04
N PRO A 169 2.94 2.76 -4.49
CA PRO A 169 1.61 2.47 -3.93
C PRO A 169 1.18 1.03 -4.11
N THR A 170 1.76 0.31 -5.07
CA THR A 170 1.46 -1.11 -5.23
C THR A 170 2.31 -2.04 -4.36
N HIS A 171 3.24 -1.49 -3.56
N HIS A 171 3.23 -1.51 -3.53
CA HIS A 171 4.11 -2.26 -2.66
CA HIS A 171 4.08 -2.30 -2.64
C HIS A 171 5.04 -3.20 -3.42
C HIS A 171 5.06 -3.20 -3.41
N PHE A 172 5.33 -2.86 -4.68
CA PHE A 172 6.13 -3.75 -5.53
C PHE A 172 7.53 -4.00 -4.97
N LYS A 173 8.14 -3.00 -4.33
CA LYS A 173 9.52 -3.18 -3.87
C LYS A 173 9.58 -4.22 -2.76
N ALA A 174 8.76 -4.03 -1.72
CA ALA A 174 8.71 -5.01 -0.64
C ALA A 174 8.27 -6.38 -1.16
N ASP A 175 7.31 -6.41 -2.08
CA ASP A 175 6.81 -7.69 -2.57
C ASP A 175 7.87 -8.41 -3.40
N LEU A 176 8.63 -7.67 -4.21
CA LEU A 176 9.72 -8.32 -4.96
C LEU A 176 10.78 -8.85 -4.00
N ILE A 177 11.13 -8.05 -3.00
CA ILE A 177 12.10 -8.54 -2.01
C ILE A 177 11.55 -9.78 -1.31
N SER A 178 10.26 -9.77 -0.96
N SER A 178 10.26 -9.77 -0.98
CA SER A 178 9.66 -10.92 -0.31
CA SER A 178 9.67 -10.93 -0.31
C SER A 178 9.73 -12.15 -1.21
C SER A 178 9.74 -12.16 -1.22
N TYR A 179 9.48 -11.98 -2.51
CA TYR A 179 9.61 -13.09 -3.45
C TYR A 179 11.03 -13.64 -3.45
N LEU A 180 12.03 -12.75 -3.50
CA LEU A 180 13.43 -13.20 -3.47
C LEU A 180 13.80 -13.86 -2.15
N MET A 181 13.27 -13.36 -1.03
N MET A 181 13.27 -13.35 -1.03
CA MET A 181 13.64 -13.93 0.26
CA MET A 181 13.62 -13.91 0.27
C MET A 181 13.27 -15.39 0.37
C MET A 181 13.26 -15.38 0.36
N ALA A 182 12.21 -15.81 -0.35
CA ALA A 182 11.75 -17.19 -0.27
C ALA A 182 12.78 -18.20 -0.76
N TYR A 183 13.72 -17.79 -1.61
CA TYR A 183 14.75 -18.71 -2.08
C TYR A 183 15.76 -19.03 -1.01
N ASN A 184 15.93 -18.15 -0.01
CA ASN A 184 16.94 -18.34 1.03
C ASN A 184 18.32 -18.56 0.41
N ALA A 185 18.66 -17.72 -0.57
CA ALA A 185 19.86 -17.94 -1.37
C ALA A 185 20.81 -16.77 -1.21
N PRO A 186 22.10 -17.02 -0.95
CA PRO A 186 23.03 -15.89 -0.75
C PRO A 186 23.21 -15.04 -2.00
N SER A 187 23.19 -15.65 -3.19
CA SER A 187 23.31 -14.82 -4.40
C SER A 187 22.10 -13.91 -4.56
N LEU A 188 20.94 -14.32 -4.08
CA LEU A 188 19.78 -13.46 -4.18
C LEU A 188 19.70 -12.45 -3.05
N LYS A 189 20.29 -12.72 -1.87
CA LYS A 189 20.42 -11.67 -0.87
C LYS A 189 21.21 -10.48 -1.43
N GLU A 190 22.21 -10.77 -2.28
CA GLU A 190 22.96 -9.70 -2.94
C GLU A 190 22.03 -8.84 -3.79
N TRP A 191 21.11 -9.48 -4.52
CA TRP A 191 20.18 -8.71 -5.34
C TRP A 191 19.14 -7.98 -4.47
N ILE A 192 18.73 -8.58 -3.34
CA ILE A 192 17.85 -7.87 -2.41
C ILE A 192 18.51 -6.58 -1.94
N ASP A 193 19.80 -6.64 -1.61
CA ASP A 193 20.50 -5.45 -1.14
C ASP A 193 20.59 -4.40 -2.24
N VAL A 194 20.75 -4.84 -3.50
CA VAL A 194 20.70 -3.90 -4.61
C VAL A 194 19.33 -3.24 -4.71
N ILE A 195 18.27 -4.03 -4.61
CA ILE A 195 16.93 -3.47 -4.74
C ILE A 195 16.67 -2.45 -3.63
N HIS A 196 17.14 -2.75 -2.41
CA HIS A 196 16.98 -1.81 -1.29
C HIS A 196 17.55 -0.44 -1.62
N LYS A 197 18.67 -0.39 -2.35
CA LYS A 197 19.34 0.86 -2.73
C LYS A 197 18.60 1.65 -3.81
N HIS A 198 17.58 1.10 -4.44
CA HIS A 198 16.95 1.77 -5.57
C HIS A 198 15.54 2.23 -5.25
N ASP A 199 15.09 3.22 -6.01
CA ASP A 199 13.78 3.85 -5.85
C ASP A 199 12.83 3.24 -6.86
N LEU A 200 11.92 2.39 -6.37
CA LEU A 200 10.96 1.70 -7.23
C LEU A 200 9.57 2.32 -7.16
N SER A 201 9.47 3.58 -6.71
CA SER A 201 8.18 4.18 -6.39
C SER A 201 7.29 4.39 -7.61
N GLU A 202 7.85 4.44 -8.81
CA GLU A 202 7.01 4.68 -9.98
C GLU A 202 6.26 3.43 -10.43
N THR A 203 6.54 2.28 -9.83
CA THR A 203 5.98 1.02 -10.33
C THR A 203 4.47 1.03 -10.19
N ASN A 204 3.76 0.69 -11.27
CA ASN A 204 2.30 0.77 -11.26
C ASN A 204 1.65 -0.59 -11.44
N VAL A 205 2.40 -1.68 -11.33
CA VAL A 205 1.84 -3.03 -11.36
C VAL A 205 2.01 -3.67 -9.99
N TYR A 206 1.18 -4.69 -9.72
CA TYR A 206 1.28 -5.51 -8.53
C TYR A 206 1.97 -6.83 -8.85
N LEU A 207 2.88 -7.24 -7.97
CA LEU A 207 3.56 -8.52 -8.16
C LEU A 207 2.67 -9.66 -7.70
N ILE A 208 2.55 -10.71 -8.50
CA ILE A 208 1.87 -11.93 -8.05
C ILE A 208 2.83 -13.09 -8.26
N GLY A 209 3.37 -13.62 -7.17
CA GLY A 209 4.26 -14.76 -7.29
C GLY A 209 3.73 -16.01 -6.65
N SER A 210 4.30 -17.13 -7.05
CA SER A 210 4.16 -18.38 -6.32
C SER A 210 5.55 -18.86 -5.94
N THR A 211 5.64 -19.48 -4.76
N THR A 211 5.66 -19.40 -4.73
CA THR A 211 6.87 -20.07 -4.28
CA THR A 211 6.87 -20.06 -4.25
C THR A 211 6.49 -21.35 -3.52
C THR A 211 6.46 -21.36 -3.58
N PRO A 212 7.33 -22.37 -3.57
CA PRO A 212 6.95 -23.66 -2.99
C PRO A 212 6.73 -23.57 -1.49
N GLY A 213 5.66 -24.18 -1.03
CA GLY A 213 5.46 -24.28 0.41
C GLY A 213 4.02 -24.61 0.78
N ARG A 214 3.79 -24.59 2.08
N ARG A 214 3.79 -24.59 2.08
CA ARG A 214 2.48 -24.81 2.68
CA ARG A 214 2.45 -24.81 2.64
C ARG A 214 2.18 -23.61 3.55
C ARG A 214 2.15 -23.63 3.55
N PHE A 215 1.28 -22.74 3.11
CA PHE A 215 1.09 -21.44 3.72
C PHE A 215 -0.20 -21.41 4.54
N GLN A 216 -0.08 -21.01 5.79
CA GLN A 216 -1.19 -20.98 6.73
C GLN A 216 -1.41 -19.55 7.22
N GLY A 217 -2.61 -19.32 7.73
CA GLY A 217 -2.89 -18.07 8.42
C GLY A 217 -2.67 -16.87 7.52
N SER A 218 -1.88 -15.93 8.02
CA SER A 218 -1.61 -14.71 7.28
C SER A 218 -0.89 -15.01 5.97
N GLN A 219 0.08 -15.91 6.01
CA GLN A 219 0.91 -16.18 4.83
C GLN A 219 0.10 -16.72 3.66
N LYS A 220 -1.13 -17.20 3.90
CA LYS A 220 -1.97 -17.72 2.82
C LYS A 220 -2.18 -16.67 1.73
N ASP A 221 -2.27 -15.39 2.09
CA ASP A 221 -2.53 -14.35 1.10
C ASP A 221 -1.29 -13.92 0.33
N ASN A 222 -0.12 -14.47 0.63
CA ASN A 222 1.11 -13.99 0.02
C ASN A 222 1.31 -14.51 -1.40
N TRP A 223 0.74 -15.65 -1.76
CA TRP A 223 1.15 -16.32 -2.97
C TRP A 223 -0.05 -16.89 -3.74
N GLY A 224 0.18 -17.17 -5.01
CA GLY A 224 -0.73 -17.99 -5.79
C GLY A 224 -2.09 -17.34 -5.97
N HIS A 225 -3.13 -18.16 -6.01
CA HIS A 225 -4.42 -17.58 -6.33
C HIS A 225 -5.02 -16.82 -5.16
N PHE A 226 -4.57 -17.10 -3.93
CA PHE A 226 -5.01 -16.28 -2.80
C PHE A 226 -4.38 -14.89 -2.83
N ARG A 227 -3.16 -14.78 -3.35
CA ARG A 227 -2.56 -13.46 -3.57
C ARG A 227 -3.40 -12.65 -4.54
N LEU A 228 -3.80 -13.28 -5.66
CA LEU A 228 -4.66 -12.59 -6.61
C LEU A 228 -5.96 -12.17 -5.95
N LYS A 229 -6.57 -13.09 -5.19
CA LYS A 229 -7.84 -12.80 -4.54
C LYS A 229 -7.71 -11.61 -3.59
N LYS A 230 -6.63 -11.55 -2.82
CA LYS A 230 -6.45 -10.46 -1.88
C LYS A 230 -6.31 -9.13 -2.60
N LEU A 231 -5.55 -9.09 -3.70
CA LEU A 231 -5.38 -7.84 -4.44
C LEU A 231 -6.69 -7.38 -5.06
N LEU A 232 -7.47 -8.33 -5.59
CA LEU A 232 -8.75 -7.98 -6.18
C LEU A 232 -9.73 -7.51 -5.13
N LYS A 233 -9.68 -8.13 -3.94
CA LYS A 233 -10.54 -7.67 -2.85
C LYS A 233 -10.18 -6.25 -2.43
N ASP A 234 -8.88 -5.95 -2.33
CA ASP A 234 -8.40 -4.69 -1.78
C ASP A 234 -8.35 -3.55 -2.78
N HIS A 235 -8.11 -3.82 -4.06
CA HIS A 235 -7.79 -2.74 -5.00
C HIS A 235 -8.64 -2.72 -6.26
N ALA A 236 -9.65 -3.58 -6.35
CA ALA A 236 -10.65 -3.48 -7.41
C ALA A 236 -12.01 -3.24 -6.77
N SER A 237 -12.91 -2.64 -7.54
CA SER A 237 -14.28 -2.43 -7.09
C SER A 237 -15.23 -3.30 -7.91
N SER A 238 -16.28 -3.78 -7.26
CA SER A 238 -17.25 -4.62 -7.94
C SER A 238 -18.35 -3.73 -8.51
N MET A 239 -18.70 -3.96 -9.75
CA MET A 239 -19.74 -3.22 -10.44
C MET A 239 -21.06 -3.98 -10.38
N PRO A 240 -22.18 -3.33 -10.66
CA PRO A 240 -23.42 -4.08 -10.86
C PRO A 240 -23.29 -4.97 -12.09
N ASN A 241 -24.09 -6.03 -12.10
CA ASN A 241 -24.05 -7.03 -13.17
C ASN A 241 -22.70 -7.73 -13.22
N ALA A 242 -21.95 -7.70 -12.10
CA ALA A 242 -20.60 -8.29 -12.09
C ALA A 242 -20.62 -9.78 -12.39
N GLU A 243 -21.71 -10.47 -12.05
CA GLU A 243 -21.82 -11.89 -12.37
C GLU A 243 -21.87 -12.15 -13.87
N SER A 244 -22.08 -11.10 -14.66
CA SER A 244 -22.08 -11.24 -16.11
C SER A 244 -20.74 -10.95 -16.74
N TRP A 245 -19.78 -10.46 -15.96
CA TRP A 245 -18.44 -10.21 -16.48
C TRP A 245 -17.68 -11.53 -16.50
N PRO A 246 -17.32 -12.06 -17.67
CA PRO A 246 -16.63 -13.35 -17.72
C PRO A 246 -15.24 -13.31 -17.11
N VAL A 247 -14.68 -14.50 -16.89
CA VAL A 247 -13.27 -14.69 -16.59
C VAL A 247 -12.64 -15.36 -17.80
N VAL A 248 -11.45 -14.92 -18.19
CA VAL A 248 -10.70 -15.53 -19.28
C VAL A 248 -9.36 -15.99 -18.73
N GLY A 249 -9.01 -17.24 -19.00
CA GLY A 249 -7.67 -17.76 -18.71
C GLY A 249 -7.08 -18.32 -20.00
N GLN A 250 -5.79 -18.06 -20.20
CA GLN A 250 -5.09 -18.32 -21.47
C GLN A 250 -3.72 -18.84 -21.11
N PHE A 251 -3.37 -20.04 -21.58
CA PHE A 251 -2.22 -20.73 -21.01
C PHE A 251 -1.67 -21.72 -22.03
N SER A 252 -0.49 -22.26 -21.72
CA SER A 252 0.14 -23.24 -22.61
C SER A 252 0.23 -24.63 -22.02
N SER A 253 -0.22 -24.83 -20.78
CA SER A 253 -0.23 -26.18 -20.24
C SER A 253 -1.45 -26.35 -19.34
N VAL A 254 -1.91 -27.60 -19.25
CA VAL A 254 -3.08 -27.96 -18.47
C VAL A 254 -2.63 -29.02 -17.47
N GLY A 255 -2.85 -28.77 -16.19
CA GLY A 255 -2.54 -29.75 -15.17
C GLY A 255 -3.73 -30.67 -14.89
N SER A 256 -3.52 -31.60 -13.97
N SER A 256 -3.52 -31.59 -13.96
CA SER A 256 -4.59 -32.48 -13.52
CA SER A 256 -4.58 -32.47 -13.48
C SER A 256 -5.47 -31.72 -12.53
C SER A 256 -5.46 -31.67 -12.54
N LEU A 257 -6.71 -31.43 -12.93
CA LEU A 257 -7.61 -30.58 -12.14
C LEU A 257 -8.65 -31.34 -11.34
N GLY A 258 -8.77 -32.64 -11.52
CA GLY A 258 -9.73 -33.44 -10.77
C GLY A 258 -10.86 -33.97 -11.64
N ALA A 259 -11.71 -34.77 -11.01
CA ALA A 259 -12.73 -35.51 -11.73
C ALA A 259 -13.88 -34.63 -12.20
N ASP A 260 -14.04 -33.43 -11.64
CA ASP A 260 -15.08 -32.51 -12.09
C ASP A 260 -14.67 -31.09 -11.73
N GLU A 261 -15.44 -30.13 -12.24
CA GLU A 261 -15.05 -28.73 -12.06
C GLU A 261 -15.15 -28.28 -10.61
N SER A 262 -15.88 -29.00 -9.76
CA SER A 262 -16.00 -28.58 -8.38
C SER A 262 -14.79 -28.92 -7.53
N LYS A 263 -13.86 -29.75 -8.04
CA LYS A 263 -12.72 -30.17 -7.23
C LYS A 263 -11.72 -29.04 -7.03
N TRP A 264 -11.55 -28.18 -8.02
CA TRP A 264 -10.58 -27.08 -7.90
C TRP A 264 -10.91 -25.92 -8.83
N LEU A 265 -11.30 -26.21 -10.08
CA LEU A 265 -11.35 -25.16 -11.09
C LEU A 265 -12.39 -24.10 -10.75
N CYS A 266 -13.61 -24.51 -10.41
CA CYS A 266 -14.64 -23.54 -10.07
C CYS A 266 -14.83 -23.34 -8.57
N SER A 267 -14.24 -24.21 -7.74
CA SER A 267 -14.43 -24.05 -6.30
C SER A 267 -13.47 -23.03 -5.72
N GLU A 268 -12.17 -23.19 -5.95
CA GLU A 268 -11.24 -22.20 -5.42
C GLU A 268 -10.55 -21.36 -6.48
N PHE A 269 -10.22 -21.91 -7.66
CA PHE A 269 -9.55 -21.11 -8.68
C PHE A 269 -10.47 -20.02 -9.22
N LYS A 270 -11.65 -20.39 -9.68
CA LYS A 270 -12.57 -19.38 -10.19
C LYS A 270 -13.05 -18.45 -9.10
N GLU A 271 -13.23 -18.96 -7.87
CA GLU A 271 -13.67 -18.12 -6.76
C GLU A 271 -12.66 -17.02 -6.47
N SER A 272 -11.37 -17.34 -6.52
CA SER A 272 -10.36 -16.30 -6.35
C SER A 272 -10.41 -15.32 -7.52
N MET A 273 -10.49 -15.84 -8.73
CA MET A 273 -10.43 -14.98 -9.90
C MET A 273 -11.68 -14.13 -10.09
N LEU A 274 -12.83 -14.56 -9.54
N LEU A 274 -12.83 -14.52 -9.56
CA LEU A 274 -14.06 -13.80 -9.62
CA LEU A 274 -14.02 -13.70 -9.72
C LEU A 274 -14.06 -12.58 -8.72
C LEU A 274 -14.18 -12.68 -8.60
N THR A 275 -13.22 -12.57 -7.69
CA THR A 275 -13.31 -11.58 -6.63
C THR A 275 -13.21 -10.15 -7.16
N LEU A 276 -14.04 -9.27 -6.63
CA LEU A 276 -13.97 -7.84 -6.93
C LEU A 276 -14.47 -7.09 -5.70
N GLY A 277 -13.59 -6.30 -5.07
CA GLY A 277 -14.01 -5.49 -3.95
C GLY A 277 -14.16 -6.30 -2.68
N LYS A 278 -14.57 -5.59 -1.62
CA LYS A 278 -14.53 -6.14 -0.28
C LYS A 278 -15.85 -6.72 0.18
N GLU A 279 -16.94 -6.52 -0.56
CA GLU A 279 -18.25 -7.03 -0.20
C GLU A 279 -18.44 -8.44 -0.76
N SER A 280 -19.52 -9.08 -0.32
CA SER A 280 -19.85 -10.42 -0.80
C SER A 280 -21.15 -10.41 -1.61
N SER A 287 -22.28 -18.42 -11.62
CA SER A 287 -22.92 -18.16 -12.90
C SER A 287 -22.01 -17.39 -13.85
N VAL A 288 -20.81 -17.05 -13.39
CA VAL A 288 -19.90 -16.25 -14.22
C VAL A 288 -19.34 -17.13 -15.34
N PRO A 289 -19.44 -16.69 -16.60
CA PRO A 289 -18.87 -17.49 -17.70
C PRO A 289 -17.35 -17.60 -17.59
N LEU A 290 -16.84 -18.78 -17.86
CA LEU A 290 -15.40 -19.03 -17.83
C LEU A 290 -14.95 -19.46 -19.21
N TYR A 291 -14.04 -18.68 -19.79
CA TYR A 291 -13.43 -18.97 -21.10
C TYR A 291 -12.00 -19.38 -20.87
N LEU A 292 -11.62 -20.54 -21.40
CA LEU A 292 -10.24 -21.00 -21.32
C LEU A 292 -9.70 -21.09 -22.74
N ILE A 293 -8.59 -20.42 -23.00
CA ILE A 293 -7.98 -20.33 -24.33
C ILE A 293 -6.74 -21.22 -24.33
N TYR A 294 -6.74 -22.23 -25.21
CA TYR A 294 -5.65 -23.21 -25.29
C TYR A 294 -5.62 -23.76 -26.71
N PRO A 295 -4.45 -23.83 -27.35
CA PRO A 295 -4.40 -24.22 -28.77
C PRO A 295 -5.04 -25.57 -29.04
N SER A 296 -5.89 -25.59 -30.07
CA SER A 296 -6.37 -26.84 -30.65
C SER A 296 -5.25 -27.53 -31.45
N VAL A 297 -5.50 -28.79 -31.82
CA VAL A 297 -4.57 -29.47 -32.70
C VAL A 297 -4.41 -28.71 -34.02
N GLU A 298 -5.52 -28.18 -34.56
N GLU A 298 -5.52 -28.19 -34.58
CA GLU A 298 -5.44 -27.44 -35.82
CA GLU A 298 -5.43 -27.44 -35.83
C GLU A 298 -4.65 -26.14 -35.66
C GLU A 298 -4.63 -26.15 -35.66
N ASN A 299 -4.80 -25.47 -34.52
CA ASN A 299 -3.96 -24.33 -34.18
C ASN A 299 -2.48 -24.68 -34.32
N VAL A 300 -2.09 -25.81 -33.72
CA VAL A 300 -0.69 -26.18 -33.69
C VAL A 300 -0.20 -26.61 -35.08
N ARG A 301 -1.00 -27.42 -35.77
CA ARG A 301 -0.59 -27.93 -37.09
C ARG A 301 -0.35 -26.80 -38.08
N THR A 302 -1.23 -25.80 -38.11
CA THR A 302 -1.11 -24.73 -39.09
C THR A 302 -0.24 -23.58 -38.59
N SER A 303 0.45 -23.76 -37.46
CA SER A 303 1.23 -22.68 -36.88
C SER A 303 2.53 -22.48 -37.67
N LEU A 304 3.20 -21.34 -37.42
CA LEU A 304 4.48 -21.08 -38.08
C LEU A 304 5.49 -22.20 -37.80
N GLU A 305 5.55 -22.65 -36.55
CA GLU A 305 6.46 -23.72 -36.16
C GLU A 305 6.00 -25.09 -36.62
N GLY A 306 4.69 -25.26 -36.82
CA GLY A 306 4.13 -26.58 -37.08
C GLY A 306 3.98 -27.39 -35.80
N TYR A 307 3.87 -28.71 -35.98
CA TYR A 307 3.75 -29.62 -34.83
C TYR A 307 4.83 -29.42 -33.76
N PRO A 308 6.07 -29.08 -34.09
CA PRO A 308 7.08 -28.86 -33.02
C PRO A 308 6.69 -27.80 -32.00
N ALA A 309 5.75 -26.90 -32.33
CA ALA A 309 5.27 -25.96 -31.30
C ALA A 309 4.62 -26.70 -30.14
N GLY A 310 4.09 -27.90 -30.40
CA GLY A 310 3.45 -28.69 -29.37
C GLY A 310 4.38 -29.25 -28.33
N GLY A 311 5.70 -29.20 -28.58
CA GLY A 311 6.67 -29.53 -27.55
C GLY A 311 6.66 -28.56 -26.39
N SER A 312 6.07 -27.38 -26.57
CA SER A 312 5.92 -26.38 -25.53
C SER A 312 4.46 -26.20 -25.12
N LEU A 313 3.62 -27.18 -25.44
CA LEU A 313 2.20 -27.18 -25.04
C LEU A 313 1.93 -28.51 -24.34
N PRO A 314 2.38 -28.66 -23.10
CA PRO A 314 2.32 -29.96 -22.41
C PRO A 314 0.93 -30.24 -21.87
N TYR A 315 0.29 -31.24 -22.45
CA TYR A 315 -0.98 -31.72 -21.95
C TYR A 315 -0.97 -33.20 -22.27
N SER A 316 -0.84 -34.04 -21.25
CA SER A 316 -0.68 -35.48 -21.44
C SER A 316 -2.02 -36.14 -21.70
N ILE A 317 -2.02 -37.15 -22.56
CA ILE A 317 -3.25 -37.91 -22.80
C ILE A 317 -3.72 -38.56 -21.49
N GLN A 318 -2.79 -38.94 -20.62
CA GLN A 318 -3.15 -39.61 -19.37
C GLN A 318 -3.95 -38.68 -18.48
N THR A 319 -3.58 -37.41 -18.45
CA THR A 319 -4.32 -36.42 -17.68
C THR A 319 -5.62 -36.06 -18.39
N ALA A 320 -5.53 -35.79 -19.70
CA ALA A 320 -6.69 -35.31 -20.45
C ALA A 320 -7.86 -36.29 -20.35
N GLU A 321 -7.59 -37.58 -20.47
CA GLU A 321 -8.70 -38.53 -20.50
C GLU A 321 -9.39 -38.67 -19.15
N LYS A 322 -8.84 -38.12 -18.08
CA LYS A 322 -9.49 -38.15 -16.79
C LYS A 322 -10.31 -36.89 -16.51
N GLN A 323 -10.29 -35.93 -17.41
CA GLN A 323 -11.01 -34.67 -17.18
C GLN A 323 -11.61 -34.16 -18.49
N ASN A 324 -12.30 -35.03 -19.22
CA ASN A 324 -12.91 -34.58 -20.46
C ASN A 324 -13.96 -33.48 -20.23
N TRP A 325 -14.51 -33.39 -19.01
CA TRP A 325 -15.42 -32.31 -18.66
C TRP A 325 -14.79 -30.94 -18.92
N LEU A 326 -13.46 -30.85 -18.85
CA LEU A 326 -12.79 -29.55 -18.98
C LEU A 326 -12.91 -28.99 -20.39
N HIS A 327 -12.93 -29.85 -21.41
CA HIS A 327 -12.70 -29.35 -22.75
C HIS A 327 -13.89 -28.57 -23.30
N SER A 328 -15.05 -28.67 -22.66
N SER A 328 -15.05 -28.68 -22.66
CA SER A 328 -16.19 -27.83 -23.03
CA SER A 328 -16.19 -27.82 -23.01
C SER A 328 -15.96 -26.35 -22.71
C SER A 328 -15.88 -26.35 -22.81
N TYR A 329 -14.91 -26.02 -21.95
CA TYR A 329 -14.53 -24.65 -21.68
C TYR A 329 -13.51 -24.09 -22.68
N PHE A 330 -13.01 -24.92 -23.58
CA PHE A 330 -11.82 -24.57 -24.35
C PHE A 330 -12.17 -23.76 -25.58
N HIS A 331 -11.39 -22.71 -25.81
CA HIS A 331 -11.53 -21.86 -26.97
C HIS A 331 -10.22 -21.81 -27.73
N LYS A 332 -10.31 -21.61 -29.05
CA LYS A 332 -9.13 -21.64 -29.90
C LYS A 332 -8.23 -20.44 -29.66
N TRP A 333 -6.95 -20.62 -29.99
CA TRP A 333 -6.05 -19.48 -30.07
C TRP A 333 -6.35 -18.68 -31.33
N SER A 334 -6.58 -17.39 -31.16
CA SER A 334 -6.86 -16.47 -32.26
C SER A 334 -6.30 -15.11 -31.89
N ALA A 335 -5.46 -14.54 -32.75
CA ALA A 335 -4.78 -13.29 -32.41
C ALA A 335 -4.59 -12.42 -33.65
N GLU A 336 -5.68 -12.24 -34.43
CA GLU A 336 -5.63 -11.33 -35.56
C GLU A 336 -5.24 -9.93 -35.13
N THR A 337 -5.67 -9.52 -33.93
CA THR A 337 -5.39 -8.17 -33.45
C THR A 337 -3.90 -7.86 -33.41
N SER A 338 -3.05 -8.86 -33.17
CA SER A 338 -1.60 -8.67 -33.14
C SER A 338 -0.90 -9.46 -34.25
N GLY A 339 -1.64 -9.88 -35.27
CA GLY A 339 -1.06 -10.65 -36.36
C GLY A 339 -0.44 -11.97 -35.94
N ARG A 340 -0.87 -12.55 -34.83
CA ARG A 340 -0.17 -13.67 -34.22
C ARG A 340 -1.02 -14.94 -34.10
N SER A 341 -2.06 -15.09 -34.93
CA SER A 341 -2.84 -16.32 -34.85
C SER A 341 -2.00 -17.57 -35.14
N ASN A 342 -0.92 -17.44 -35.91
CA ASN A 342 -0.09 -18.60 -36.22
C ASN A 342 1.20 -18.64 -35.39
N ALA A 343 1.33 -17.76 -34.40
CA ALA A 343 2.46 -17.76 -33.46
C ALA A 343 1.96 -18.36 -32.15
N MET A 344 2.27 -19.63 -31.92
CA MET A 344 1.61 -20.33 -30.81
C MET A 344 1.94 -19.66 -29.48
N PRO A 345 0.98 -19.64 -28.55
CA PRO A 345 1.18 -18.92 -27.29
C PRO A 345 2.03 -19.70 -26.30
N HIS A 346 3.05 -19.04 -25.78
CA HIS A 346 3.71 -19.46 -24.56
C HIS A 346 3.55 -18.41 -23.47
N ILE A 347 2.99 -17.26 -23.82
CA ILE A 347 2.47 -16.32 -22.82
C ILE A 347 1.34 -17.00 -22.03
N LYS A 348 1.15 -16.57 -20.78
CA LYS A 348 -0.03 -16.94 -20.00
C LYS A 348 -0.66 -15.64 -19.52
N THR A 349 -1.98 -15.52 -19.69
CA THR A 349 -2.71 -14.32 -19.29
C THR A 349 -4.04 -14.70 -18.67
N TYR A 350 -4.52 -13.82 -17.78
CA TYR A 350 -5.80 -13.98 -17.12
C TYR A 350 -6.42 -12.59 -17.03
N MET A 351 -7.73 -12.50 -17.24
CA MET A 351 -8.35 -11.17 -17.23
C MET A 351 -9.85 -11.28 -17.02
N ARG A 352 -10.46 -10.12 -16.76
CA ARG A 352 -11.88 -10.02 -16.41
C ARG A 352 -12.58 -9.04 -17.34
N PRO A 353 -12.99 -9.47 -18.53
CA PRO A 353 -13.68 -8.56 -19.46
C PRO A 353 -15.14 -8.31 -19.08
N SER A 354 -15.67 -7.24 -19.66
CA SER A 354 -17.08 -6.91 -19.55
C SER A 354 -17.89 -7.88 -20.40
N PRO A 355 -19.22 -7.93 -20.23
CA PRO A 355 -20.01 -8.90 -21.01
C PRO A 355 -19.87 -8.75 -22.51
N ASP A 356 -19.62 -7.56 -23.02
CA ASP A 356 -19.41 -7.36 -24.45
C ASP A 356 -17.93 -7.30 -24.81
N PHE A 357 -17.02 -7.61 -23.87
CA PHE A 357 -15.58 -7.70 -24.09
C PHE A 357 -14.94 -6.38 -24.55
N SER A 358 -15.61 -5.25 -24.33
CA SER A 358 -15.08 -3.95 -24.73
C SER A 358 -14.21 -3.32 -23.65
N LYS A 359 -14.31 -3.83 -22.43
CA LYS A 359 -13.56 -3.32 -21.29
C LYS A 359 -13.05 -4.52 -20.50
N ILE A 360 -12.01 -4.30 -19.68
CA ILE A 360 -11.56 -5.31 -18.74
C ILE A 360 -11.37 -4.66 -17.37
N ALA A 361 -11.66 -5.45 -16.33
CA ALA A 361 -11.50 -4.99 -14.95
C ALA A 361 -10.09 -5.14 -14.42
N TRP A 362 -9.27 -5.97 -15.06
CA TRP A 362 -7.87 -6.21 -14.71
C TRP A 362 -7.26 -7.16 -15.72
N PHE A 363 -5.93 -7.20 -15.76
CA PHE A 363 -5.20 -8.07 -16.68
C PHE A 363 -3.96 -8.58 -15.97
N LEU A 364 -3.67 -9.88 -16.10
CA LEU A 364 -2.49 -10.48 -15.49
C LEU A 364 -1.68 -11.19 -16.57
N VAL A 365 -0.38 -10.93 -16.63
CA VAL A 365 0.54 -11.74 -17.43
C VAL A 365 1.47 -12.46 -16.46
N THR A 366 1.73 -13.74 -16.72
CA THR A 366 2.38 -14.58 -15.71
C THR A 366 3.01 -15.79 -16.38
N SER A 367 3.85 -16.51 -15.61
CA SER A 367 4.30 -17.84 -16.01
C SER A 367 3.28 -18.92 -15.69
N ALA A 368 2.31 -18.65 -14.81
CA ALA A 368 1.51 -19.72 -14.25
C ALA A 368 0.51 -20.26 -15.25
N ASN A 369 0.57 -21.57 -15.50
CA ASN A 369 -0.39 -22.26 -16.36
C ASN A 369 -1.64 -22.61 -15.56
N LEU A 370 -2.54 -23.37 -16.18
CA LEU A 370 -3.78 -23.79 -15.52
C LEU A 370 -3.46 -25.06 -14.73
N SER A 371 -2.85 -24.89 -13.55
CA SER A 371 -2.48 -26.06 -12.77
C SER A 371 -2.43 -25.73 -11.29
N LYS A 372 -2.76 -26.72 -10.49
CA LYS A 372 -2.69 -26.56 -9.04
C LYS A 372 -1.26 -26.34 -8.57
N ALA A 373 -0.28 -26.94 -9.27
CA ALA A 373 1.12 -26.78 -8.85
C ALA A 373 1.53 -25.31 -8.91
N ALA A 374 1.03 -24.58 -9.90
CA ALA A 374 1.41 -23.19 -10.12
C ALA A 374 0.59 -22.24 -9.26
N TRP A 375 -0.72 -22.46 -9.16
CA TRP A 375 -1.60 -21.51 -8.48
C TRP A 375 -1.83 -21.85 -7.02
N GLY A 376 -1.62 -23.09 -6.63
CA GLY A 376 -1.89 -23.48 -5.27
C GLY A 376 -3.18 -24.25 -5.13
N ALA A 377 -3.20 -25.20 -4.19
CA ALA A 377 -4.36 -26.00 -3.88
C ALA A 377 -4.54 -26.01 -2.36
N LEU A 378 -5.77 -25.75 -1.91
CA LEU A 378 -6.04 -25.72 -0.48
C LEU A 378 -5.93 -27.11 0.12
N GLU A 379 -5.36 -27.20 1.32
CA GLU A 379 -5.21 -28.42 2.09
C GLU A 379 -5.66 -28.15 3.52
N LYS A 380 -5.68 -29.22 4.32
CA LYS A 380 -5.92 -29.12 5.75
C LYS A 380 -7.21 -28.34 6.03
N ASN A 381 -8.30 -28.85 5.46
CA ASN A 381 -9.63 -28.29 5.73
C ASN A 381 -9.71 -26.82 5.35
N GLY A 382 -9.16 -26.48 4.18
CA GLY A 382 -9.19 -25.11 3.69
C GLY A 382 -8.31 -24.11 4.40
N THR A 383 -7.45 -24.56 5.31
CA THR A 383 -6.65 -23.63 6.12
C THR A 383 -5.23 -23.44 5.59
N GLN A 384 -4.81 -24.19 4.59
CA GLN A 384 -3.43 -24.16 4.11
C GLN A 384 -3.40 -24.20 2.59
N LEU A 385 -2.58 -23.33 1.99
CA LEU A 385 -2.43 -23.31 0.53
C LEU A 385 -1.07 -23.94 0.19
N MET A 386 -1.10 -25.02 -0.58
CA MET A 386 0.12 -25.71 -0.98
C MET A 386 0.45 -25.38 -2.42
N ILE A 387 1.68 -24.93 -2.64
CA ILE A 387 2.20 -24.55 -3.95
C ILE A 387 3.47 -25.35 -4.18
N ARG A 388 3.61 -25.91 -5.39
CA ARG A 388 4.77 -26.74 -5.67
C ARG A 388 5.92 -25.97 -6.31
N SER A 389 5.63 -24.88 -7.02
CA SER A 389 6.57 -24.32 -7.98
C SER A 389 6.79 -22.83 -7.77
N TYR A 390 7.84 -22.32 -8.40
CA TYR A 390 8.04 -20.87 -8.51
C TYR A 390 7.37 -20.36 -9.78
N GLU A 391 6.54 -19.34 -9.63
CA GLU A 391 5.88 -18.66 -10.73
C GLU A 391 5.91 -17.17 -10.45
N LEU A 392 5.77 -16.36 -11.49
CA LEU A 392 5.79 -14.90 -11.32
C LEU A 392 5.05 -14.21 -12.45
N GLY A 393 4.25 -13.21 -12.08
CA GLY A 393 3.56 -12.38 -13.05
C GLY A 393 3.28 -11.01 -12.46
N VAL A 394 2.68 -10.14 -13.26
CA VAL A 394 2.35 -8.79 -12.80
C VAL A 394 0.90 -8.50 -13.17
N LEU A 395 0.21 -7.83 -12.25
CA LEU A 395 -1.21 -7.55 -12.36
C LEU A 395 -1.42 -6.08 -12.68
N PHE A 396 -2.21 -5.80 -13.73
CA PHE A 396 -2.60 -4.45 -14.13
C PHE A 396 -3.99 -4.20 -13.57
N LEU A 397 -4.11 -3.24 -12.65
CA LEU A 397 -5.39 -2.85 -12.06
C LEU A 397 -5.71 -1.43 -12.47
N PRO A 398 -6.93 -1.15 -12.96
CA PRO A 398 -7.26 0.22 -13.39
C PRO A 398 -6.99 1.28 -12.34
N SER A 399 -7.27 0.98 -11.06
CA SER A 399 -7.08 1.96 -10.01
C SER A 399 -5.62 2.39 -9.88
N ALA A 400 -4.67 1.50 -10.22
CA ALA A 400 -3.26 1.87 -10.20
C ALA A 400 -2.93 2.92 -11.25
N PHE A 401 -3.81 3.10 -12.23
CA PHE A 401 -3.61 4.07 -13.31
C PHE A 401 -4.61 5.21 -13.25
N GLY A 402 -5.36 5.34 -12.16
CA GLY A 402 -6.38 6.36 -12.04
C GLY A 402 -7.60 6.08 -12.89
N LEU A 403 -7.83 4.84 -13.26
CA LEU A 403 -8.93 4.48 -14.14
C LEU A 403 -9.91 3.57 -13.41
N ASP A 404 -11.14 3.49 -13.95
CA ASP A 404 -12.15 2.59 -13.41
C ASP A 404 -12.17 1.25 -14.15
N SER A 405 -11.76 1.25 -15.41
CA SER A 405 -11.57 0.02 -16.17
C SER A 405 -10.58 0.34 -17.28
N PHE A 406 -10.13 -0.70 -17.97
CA PHE A 406 -9.35 -0.55 -19.20
C PHE A 406 -10.22 -0.80 -20.42
N LYS A 407 -10.14 0.10 -21.40
N LYS A 407 -10.21 0.14 -21.37
CA LYS A 407 -10.74 -0.15 -22.71
CA LYS A 407 -10.74 -0.16 -22.69
C LYS A 407 -9.84 -1.08 -23.53
C LYS A 407 -9.85 -1.20 -23.36
N VAL A 408 -10.46 -2.03 -24.22
CA VAL A 408 -9.73 -3.13 -24.86
C VAL A 408 -9.31 -2.76 -26.28
N LYS A 409 -8.04 -3.00 -26.60
CA LYS A 409 -7.54 -2.90 -27.97
C LYS A 409 -8.06 -4.06 -28.83
N GLN A 410 -8.56 -3.75 -30.02
CA GLN A 410 -8.97 -4.80 -30.96
C GLN A 410 -8.44 -4.50 -32.37
N LYS A 411 -8.60 -5.48 -33.26
CA LYS A 411 -8.18 -5.31 -34.65
C LYS A 411 -8.99 -4.21 -35.34
N PHE A 412 -10.31 -4.30 -35.27
CA PHE A 412 -11.16 -3.32 -35.94
C PHE A 412 -11.22 -2.03 -35.15
N PHE A 413 -11.18 -0.91 -35.88
CA PHE A 413 -11.41 0.40 -35.29
C PHE A 413 -12.31 1.18 -36.24
N ALA A 414 -13.22 1.96 -35.67
CA ALA A 414 -14.08 2.77 -36.52
C ALA A 414 -13.46 4.12 -36.85
N GLY A 415 -12.66 4.69 -35.95
CA GLY A 415 -12.02 5.97 -36.21
C GLY A 415 -11.11 6.05 -37.43
N ALA A 421 -4.59 4.20 -26.84
CA ALA A 421 -5.65 4.66 -25.94
C ALA A 421 -6.43 3.49 -25.31
N THR A 422 -5.84 2.31 -25.37
CA THR A 422 -6.47 1.08 -24.90
C THR A 422 -5.41 0.20 -24.26
N PHE A 423 -5.87 -0.79 -23.48
CA PHE A 423 -4.94 -1.81 -23.01
C PHE A 423 -4.69 -2.84 -24.11
N PRO A 424 -3.44 -3.20 -24.38
CA PRO A 424 -3.11 -4.01 -25.56
C PRO A 424 -3.27 -5.51 -25.32
N VAL A 425 -4.52 -5.95 -25.18
CA VAL A 425 -4.84 -7.38 -25.11
C VAL A 425 -4.31 -8.03 -26.38
N PRO A 426 -3.45 -9.05 -26.30
CA PRO A 426 -2.75 -9.52 -27.49
C PRO A 426 -3.49 -10.54 -28.35
N TYR A 427 -4.68 -10.99 -27.96
CA TYR A 427 -5.44 -11.94 -28.75
C TYR A 427 -6.88 -11.45 -28.87
N ASP A 428 -7.64 -12.12 -29.74
CA ASP A 428 -8.95 -11.64 -30.16
C ASP A 428 -10.01 -11.92 -29.11
N LEU A 429 -10.96 -11.00 -28.99
CA LEU A 429 -12.15 -11.18 -28.18
C LEU A 429 -13.39 -10.97 -29.04
N PRO A 430 -14.48 -11.69 -28.75
CA PRO A 430 -14.59 -12.75 -27.74
C PRO A 430 -13.82 -13.98 -28.19
N PRO A 431 -13.38 -14.83 -27.27
CA PRO A 431 -12.70 -16.07 -27.69
C PRO A 431 -13.68 -16.96 -28.42
N GLU A 432 -13.15 -17.75 -29.36
CA GLU A 432 -13.98 -18.57 -30.22
C GLU A 432 -13.97 -20.01 -29.73
N LEU A 433 -15.16 -20.57 -29.48
CA LEU A 433 -15.26 -21.93 -28.98
C LEU A 433 -14.66 -22.92 -29.99
N TYR A 434 -14.05 -23.99 -29.47
CA TYR A 434 -13.65 -25.11 -30.33
C TYR A 434 -14.83 -25.56 -31.18
N GLY A 435 -14.56 -25.97 -32.42
CA GLY A 435 -15.56 -26.63 -33.21
C GLY A 435 -15.72 -28.09 -32.81
N SER A 436 -16.79 -28.72 -33.29
CA SER A 436 -17.06 -30.11 -32.91
C SER A 436 -15.95 -31.05 -33.36
N LYS A 437 -15.20 -30.68 -34.40
CA LYS A 437 -14.09 -31.49 -34.84
C LYS A 437 -12.76 -31.08 -34.21
N ASP A 438 -12.73 -30.00 -33.44
CA ASP A 438 -11.49 -29.62 -32.80
C ASP A 438 -11.22 -30.49 -31.57
N ARG A 439 -9.94 -30.60 -31.23
CA ARG A 439 -9.46 -31.32 -30.06
C ARG A 439 -8.36 -30.49 -29.42
N PRO A 440 -8.22 -30.52 -28.10
CA PRO A 440 -7.11 -29.79 -27.48
C PRO A 440 -5.80 -30.44 -27.88
N TRP A 441 -4.77 -29.62 -28.07
CA TRP A 441 -3.45 -30.17 -28.34
C TRP A 441 -3.03 -31.05 -27.16
N ILE A 442 -2.72 -32.31 -27.47
CA ILE A 442 -2.24 -33.28 -26.49
C ILE A 442 -0.89 -33.76 -27.00
N TRP A 443 0.17 -33.50 -26.23
CA TRP A 443 1.50 -33.49 -26.84
C TRP A 443 2.09 -34.89 -27.03
N ASN A 444 1.58 -35.93 -26.37
CA ASN A 444 2.23 -37.23 -26.41
C ASN A 444 1.36 -38.30 -27.07
N ILE A 445 0.57 -37.91 -28.06
CA ILE A 445 -0.07 -38.84 -28.98
C ILE A 445 0.31 -38.40 -30.39
N PRO A 446 0.25 -39.30 -31.37
CA PRO A 446 0.66 -38.94 -32.73
C PRO A 446 -0.45 -38.27 -33.52
N TYR A 447 -0.03 -37.37 -34.41
CA TYR A 447 -0.92 -36.75 -35.39
C TYR A 447 -0.35 -37.03 -36.77
N VAL A 448 -1.03 -37.89 -37.52
CA VAL A 448 -0.48 -38.39 -38.78
C VAL A 448 -1.50 -38.24 -39.90
N LYS A 449 -2.58 -37.51 -39.65
CA LYS A 449 -3.63 -37.42 -40.66
C LYS A 449 -3.41 -36.27 -41.64
N ALA A 450 -2.85 -35.15 -41.18
CA ALA A 450 -2.58 -34.01 -42.03
C ALA A 450 -1.25 -33.39 -41.66
N PRO A 451 -0.42 -33.05 -42.63
CA PRO A 451 0.92 -32.52 -42.35
C PRO A 451 0.86 -31.07 -41.89
N ASP A 452 1.95 -30.65 -41.21
CA ASP A 452 2.01 -29.28 -40.71
C ASP A 452 2.60 -28.35 -41.77
N THR A 453 2.86 -27.09 -41.40
CA THR A 453 3.36 -26.09 -42.33
C THR A 453 4.75 -26.40 -42.87
N HIS A 454 5.48 -27.31 -42.23
CA HIS A 454 6.79 -27.75 -42.72
C HIS A 454 6.72 -29.09 -43.45
N GLY A 455 5.53 -29.64 -43.64
CA GLY A 455 5.36 -30.89 -44.36
C GLY A 455 5.47 -32.14 -43.51
N ASN A 456 5.44 -32.03 -42.19
CA ASN A 456 5.73 -33.15 -41.31
C ASN A 456 4.51 -33.56 -40.48
N MET A 457 4.60 -34.79 -39.97
CA MET A 457 3.65 -35.32 -39.02
C MET A 457 4.25 -35.22 -37.62
N TRP A 458 3.49 -35.69 -36.63
CA TRP A 458 3.93 -35.67 -35.24
C TRP A 458 3.88 -37.10 -34.71
N VAL A 459 5.05 -37.66 -34.39
CA VAL A 459 5.13 -39.02 -33.89
C VAL A 459 5.97 -39.02 -32.63
N PRO A 460 5.38 -38.83 -31.44
CA PRO A 460 6.11 -38.74 -30.17
C PRO A 460 6.51 -40.09 -29.62
N ASN B 15 14.01 18.62 7.48
CA ASN B 15 13.73 17.32 8.08
C ASN B 15 12.70 16.56 7.26
N PRO B 16 12.86 15.23 7.17
CA PRO B 16 11.89 14.43 6.40
C PRO B 16 10.53 14.36 7.06
N PHE B 17 10.44 14.57 8.36
CA PHE B 17 9.19 14.31 9.07
C PHE B 17 8.20 15.44 8.93
N GLN B 18 8.66 16.68 8.77
CA GLN B 18 7.77 17.84 8.64
C GLN B 18 6.79 17.90 9.79
N PHE B 19 7.30 17.61 11.00
CA PHE B 19 6.54 17.68 12.23
C PHE B 19 7.03 18.91 12.98
N TYR B 20 6.10 19.83 13.29
CA TYR B 20 6.42 21.14 13.85
C TYR B 20 5.62 21.40 15.11
N LEU B 21 6.16 22.23 15.97
CA LEU B 21 5.38 22.81 17.07
C LEU B 21 4.91 24.20 16.70
N THR B 22 3.81 24.63 17.33
CA THR B 22 3.41 26.02 17.19
C THR B 22 4.35 26.94 17.95
N ARG B 23 4.38 28.20 17.53
CA ARG B 23 5.18 29.21 18.22
C ARG B 23 4.60 29.49 19.61
N VAL B 24 5.48 29.67 20.59
CA VAL B 24 5.08 29.96 21.98
C VAL B 24 5.58 31.35 22.35
N SER B 25 4.65 32.23 22.73
N SER B 25 4.65 32.22 22.72
CA SER B 25 5.02 33.55 23.20
CA SER B 25 5.00 33.55 23.20
C SER B 25 5.51 33.47 24.64
C SER B 25 5.52 33.45 24.63
N GLY B 26 6.68 34.05 24.88
CA GLY B 26 7.25 34.08 26.21
C GLY B 26 8.30 33.03 26.49
N VAL B 27 8.77 32.32 25.47
CA VAL B 27 9.96 31.50 25.60
C VAL B 27 11.06 32.12 24.75
N LYS B 28 12.29 31.73 25.05
CA LYS B 28 13.43 32.30 24.36
C LYS B 28 13.38 31.95 22.87
N PRO B 29 13.91 32.83 22.00
CA PRO B 29 13.74 32.61 20.55
C PRO B 29 14.30 31.29 20.05
N LYS B 30 15.32 30.75 20.72
CA LYS B 30 15.85 29.44 20.36
C LYS B 30 14.76 28.38 20.26
N TYR B 31 13.77 28.47 21.14
CA TYR B 31 12.71 27.47 21.18
C TYR B 31 11.60 27.73 20.17
N ASN B 32 11.63 28.85 19.46
CA ASN B 32 10.69 29.10 18.39
C ASN B 32 11.33 29.04 17.01
N SER B 33 12.65 28.98 16.95
CA SER B 33 13.34 28.63 15.73
C SER B 33 12.96 27.21 15.34
N GLY B 34 12.35 27.06 14.18
CA GLY B 34 11.80 25.78 13.78
C GLY B 34 10.34 25.56 14.13
N ALA B 35 9.69 26.51 14.80
CA ALA B 35 8.25 26.42 15.09
C ALA B 35 7.46 27.24 14.06
N LEU B 36 6.15 27.00 14.01
CA LEU B 36 5.29 27.64 13.02
C LEU B 36 4.09 28.31 13.68
N HIS B 37 3.82 29.55 13.31
CA HIS B 37 2.56 30.20 13.61
C HIS B 37 1.60 30.01 12.45
N ILE B 38 0.31 30.17 12.73
CA ILE B 38 -0.69 30.00 11.67
C ILE B 38 -0.44 30.97 10.52
N LYS B 39 0.03 32.18 10.84
CA LYS B 39 0.37 33.13 9.78
C LYS B 39 1.50 32.61 8.91
N ASP B 40 2.44 31.85 9.48
CA ASP B 40 3.46 31.18 8.68
C ASP B 40 2.84 30.17 7.72
N ILE B 41 1.89 29.37 8.22
CA ILE B 41 1.31 28.29 7.41
C ILE B 41 0.56 28.87 6.23
N LEU B 42 -0.12 29.99 6.42
CA LEU B 42 -0.97 30.57 5.39
C LEU B 42 -0.23 31.58 4.51
N SER B 43 1.07 31.77 4.74
CA SER B 43 1.82 32.81 4.05
C SER B 43 1.91 32.53 2.55
N PRO B 44 2.03 33.57 1.73
N PRO B 44 2.02 33.58 1.73
CA PRO B 44 2.20 33.35 0.28
CA PRO B 44 2.20 33.35 0.28
C PRO B 44 3.46 32.57 -0.06
C PRO B 44 3.45 32.56 -0.05
N LEU B 45 4.44 32.52 0.85
CA LEU B 45 5.60 31.68 0.61
C LEU B 45 5.24 30.20 0.59
N PHE B 46 4.13 29.81 1.23
CA PHE B 46 3.67 28.42 1.18
C PHE B 46 2.88 28.10 -0.07
N GLY B 47 2.50 29.10 -0.86
CA GLY B 47 1.74 28.88 -2.07
C GLY B 47 0.77 30.03 -2.31
N THR B 48 0.32 30.14 -3.55
CA THR B 48 -0.60 31.21 -3.96
C THR B 48 -2.03 30.70 -3.79
N LEU B 49 -2.67 31.11 -2.71
CA LEU B 49 -3.90 30.47 -2.25
C LEU B 49 -5.08 30.78 -3.18
N VAL B 50 -5.83 29.74 -3.51
CA VAL B 50 -7.03 29.86 -4.31
C VAL B 50 -8.28 29.59 -3.48
N SER B 51 -8.20 28.65 -2.55
N SER B 51 -8.20 28.65 -2.53
CA SER B 51 -9.31 28.32 -1.66
CA SER B 51 -9.33 28.20 -1.73
C SER B 51 -8.75 27.50 -0.51
C SER B 51 -8.78 27.40 -0.55
N SER B 52 -9.57 27.31 0.51
CA SER B 52 -9.14 26.53 1.67
C SER B 52 -10.35 25.97 2.41
N ALA B 53 -10.09 24.89 3.14
CA ALA B 53 -11.04 24.29 4.08
C ALA B 53 -10.39 24.23 5.44
N GLN B 54 -11.14 24.61 6.47
CA GLN B 54 -10.63 24.60 7.85
C GLN B 54 -11.54 23.67 8.66
N PHE B 55 -11.09 22.44 8.85
CA PHE B 55 -11.74 21.53 9.76
C PHE B 55 -11.31 21.90 11.17
N ASN B 56 -12.26 22.11 12.07
CA ASN B 56 -11.83 22.33 13.44
C ASN B 56 -13.01 22.12 14.38
N TYR B 57 -12.75 22.40 15.65
CA TYR B 57 -13.73 22.29 16.73
C TYR B 57 -14.24 23.67 17.11
N CYS B 58 -13.34 24.56 17.52
CA CYS B 58 -13.65 25.89 17.99
C CYS B 58 -13.08 26.90 16.99
N PHE B 59 -13.85 27.93 16.67
CA PHE B 59 -13.48 28.95 15.69
C PHE B 59 -13.72 30.34 16.25
N ASP B 60 -12.78 31.25 16.00
CA ASP B 60 -12.98 32.70 16.10
C ASP B 60 -12.82 33.21 14.68
N VAL B 61 -13.94 33.45 13.98
CA VAL B 61 -13.86 33.74 12.55
C VAL B 61 -13.13 35.06 12.31
N ASP B 62 -13.42 36.09 13.12
CA ASP B 62 -12.73 37.37 12.96
C ASP B 62 -11.22 37.18 13.06
N TRP B 63 -10.77 36.47 14.09
CA TRP B 63 -9.34 36.21 14.24
C TRP B 63 -8.82 35.35 13.09
N LEU B 64 -9.58 34.34 12.69
CA LEU B 64 -9.13 33.43 11.64
C LEU B 64 -8.83 34.18 10.35
N VAL B 65 -9.78 35.01 9.90
CA VAL B 65 -9.57 35.73 8.65
C VAL B 65 -8.33 36.61 8.72
N LYS B 66 -8.08 37.22 9.87
CA LYS B 66 -6.88 38.06 9.98
C LYS B 66 -5.59 37.26 9.94
N GLN B 67 -5.64 35.94 10.12
CA GLN B 67 -4.42 35.14 9.99
C GLN B 67 -4.07 34.86 8.53
N TYR B 68 -5.05 34.98 7.63
CA TYR B 68 -4.72 34.87 6.21
C TYR B 68 -4.05 36.15 5.75
N PRO B 69 -3.08 36.05 4.83
CA PRO B 69 -2.53 37.25 4.19
C PRO B 69 -3.64 38.11 3.63
N PRO B 70 -3.55 39.44 3.76
CA PRO B 70 -4.64 40.30 3.28
C PRO B 70 -5.04 40.01 1.85
N GLU B 71 -4.08 39.73 0.96
CA GLU B 71 -4.40 39.44 -0.43
C GLU B 71 -5.21 38.15 -0.58
N PHE B 72 -5.23 37.29 0.43
CA PHE B 72 -5.94 36.02 0.36
C PHE B 72 -7.26 36.02 1.12
N ARG B 73 -7.62 37.13 1.77
CA ARG B 73 -8.73 37.09 2.71
C ARG B 73 -10.10 36.99 2.05
N LYS B 74 -10.20 37.17 0.73
CA LYS B 74 -11.49 37.03 0.05
C LYS B 74 -11.61 35.72 -0.72
N LYS B 75 -10.59 34.86 -0.69
CA LYS B 75 -10.71 33.54 -1.29
C LYS B 75 -11.71 32.70 -0.51
N PRO B 76 -12.41 31.78 -1.16
CA PRO B 76 -13.39 30.96 -0.45
C PRO B 76 -12.77 30.18 0.69
N ILE B 77 -13.50 30.14 1.82
CA ILE B 77 -13.11 29.37 2.98
C ILE B 77 -14.30 28.49 3.38
N LEU B 78 -14.05 27.22 3.58
CA LEU B 78 -15.05 26.28 4.07
C LEU B 78 -14.72 25.93 5.51
N LEU B 79 -15.63 26.26 6.43
CA LEU B 79 -15.48 25.90 7.83
C LEU B 79 -16.21 24.58 8.07
N VAL B 80 -15.47 23.56 8.51
CA VAL B 80 -16.05 22.25 8.79
C VAL B 80 -16.08 22.10 10.30
N HIS B 81 -17.29 22.04 10.87
CA HIS B 81 -17.50 22.14 12.31
C HIS B 81 -18.54 21.12 12.75
N GLY B 82 -18.75 21.02 14.07
CA GLY B 82 -19.74 20.10 14.59
C GLY B 82 -20.88 20.71 15.39
N ASP B 83 -21.00 22.03 15.41
CA ASP B 83 -21.93 22.68 16.35
C ASP B 83 -23.38 22.42 15.96
N LYS B 84 -24.28 22.50 16.95
CA LYS B 84 -25.70 22.28 16.79
C LYS B 84 -26.49 23.31 17.58
N ARG B 85 -27.79 23.41 17.26
CA ARG B 85 -28.74 24.28 17.97
C ARG B 85 -28.24 25.72 17.89
N GLU B 86 -28.25 26.49 18.98
CA GLU B 86 -27.82 27.88 18.90
C GLU B 86 -26.30 28.04 18.96
N ALA B 87 -25.57 27.02 19.39
CA ALA B 87 -24.14 27.02 19.13
C ALA B 87 -23.87 27.08 17.64
N LYS B 88 -24.62 26.29 16.87
CA LYS B 88 -24.56 26.34 15.41
C LYS B 88 -24.98 27.71 14.90
N ALA B 89 -26.03 28.29 15.48
CA ALA B 89 -26.47 29.61 15.07
C ALA B 89 -25.38 30.65 15.30
N HIS B 90 -24.61 30.51 16.38
CA HIS B 90 -23.60 31.52 16.69
C HIS B 90 -22.47 31.51 15.67
N LEU B 91 -22.04 30.32 15.21
CA LEU B 91 -20.96 30.28 14.24
C LEU B 91 -21.36 30.94 12.93
N HIS B 92 -22.60 30.71 12.48
CA HIS B 92 -23.10 31.39 11.30
C HIS B 92 -23.08 32.90 11.48
N ALA B 93 -23.44 33.39 12.67
CA ALA B 93 -23.41 34.82 12.92
C ALA B 93 -21.99 35.37 12.85
N GLN B 94 -21.02 34.58 13.31
CA GLN B 94 -19.61 34.95 13.18
C GLN B 94 -19.21 35.10 11.72
N ALA B 95 -19.64 34.17 10.87
CA ALA B 95 -19.18 34.15 9.47
C ALA B 95 -19.99 35.05 8.56
N LYS B 96 -21.17 35.52 8.98
CA LYS B 96 -22.03 36.27 8.06
C LYS B 96 -21.37 37.50 7.43
N PRO B 97 -20.54 38.29 8.13
CA PRO B 97 -19.91 39.44 7.45
C PRO B 97 -18.97 39.07 6.31
N TYR B 98 -18.54 37.82 6.21
CA TYR B 98 -17.56 37.40 5.20
C TYR B 98 -18.27 36.58 4.14
N GLU B 99 -18.60 37.24 3.01
CA GLU B 99 -19.37 36.60 1.95
C GLU B 99 -18.67 35.37 1.38
N ASN B 100 -17.35 35.28 1.51
CA ASN B 100 -16.58 34.17 0.95
C ASN B 100 -16.54 32.95 1.85
N ILE B 101 -17.14 32.99 3.03
CA ILE B 101 -17.07 31.88 3.98
C ILE B 101 -18.33 31.05 3.88
N SER B 102 -18.16 29.76 3.65
CA SER B 102 -19.23 28.77 3.73
C SER B 102 -18.98 27.83 4.90
N LEU B 103 -20.05 27.19 5.37
CA LEU B 103 -19.96 26.31 6.52
C LEU B 103 -20.47 24.92 6.17
N CYS B 104 -19.89 23.91 6.81
CA CYS B 104 -20.31 22.53 6.64
C CYS B 104 -20.44 21.92 8.03
N GLN B 105 -21.67 21.60 8.42
CA GLN B 105 -21.95 20.99 9.72
C GLN B 105 -21.79 19.49 9.59
N ALA B 106 -20.78 18.95 10.27
CA ALA B 106 -20.56 17.50 10.25
C ALA B 106 -21.68 16.80 11.00
N LYS B 107 -22.27 15.79 10.37
CA LYS B 107 -23.32 15.04 11.05
C LYS B 107 -22.76 14.30 12.25
N LEU B 108 -23.49 14.37 13.37
CA LEU B 108 -23.10 13.72 14.64
C LEU B 108 -24.31 12.95 15.13
N ASP B 109 -24.48 11.74 14.61
CA ASP B 109 -25.68 10.95 14.82
C ASP B 109 -25.58 10.06 16.05
N ILE B 110 -24.50 10.17 16.82
CA ILE B 110 -24.33 9.43 18.06
C ILE B 110 -24.21 10.44 19.20
N ALA B 111 -24.90 10.16 20.31
CA ALA B 111 -24.99 11.13 21.39
C ALA B 111 -23.61 11.47 21.95
N PHE B 112 -23.45 12.75 22.32
CA PHE B 112 -22.23 13.29 22.90
C PHE B 112 -21.06 13.31 21.92
N GLY B 113 -21.31 13.05 20.63
CA GLY B 113 -20.24 13.15 19.66
C GLY B 113 -19.84 14.59 19.39
N THR B 114 -18.58 14.77 19.01
CA THR B 114 -18.05 16.09 18.68
C THR B 114 -17.19 15.98 17.43
N HIS B 115 -16.91 17.14 16.81
CA HIS B 115 -16.04 17.21 15.65
C HIS B 115 -14.70 17.80 16.10
N HIS B 116 -13.74 16.94 16.42
CA HIS B 116 -12.47 17.40 16.98
C HIS B 116 -11.38 17.55 15.93
N THR B 117 -11.55 16.93 14.77
CA THR B 117 -10.52 16.92 13.73
C THR B 117 -10.02 18.32 13.39
N LYS B 118 -8.71 18.50 13.35
CA LYS B 118 -8.11 19.77 12.99
C LYS B 118 -7.26 19.59 11.75
N MET B 119 -7.72 20.15 10.63
CA MET B 119 -7.05 19.95 9.36
C MET B 119 -7.28 21.17 8.49
N MET B 120 -6.26 21.53 7.72
CA MET B 120 -6.39 22.54 6.68
C MET B 120 -6.22 21.87 5.33
N LEU B 121 -7.13 22.15 4.40
CA LEU B 121 -6.92 21.84 2.99
C LEU B 121 -6.62 23.17 2.31
N LEU B 122 -5.45 23.27 1.68
CA LEU B 122 -4.98 24.54 1.11
C LEU B 122 -4.74 24.35 -0.39
N LEU B 123 -5.64 24.88 -1.21
CA LEU B 123 -5.52 24.74 -2.66
C LEU B 123 -4.81 25.98 -3.20
N TYR B 124 -3.73 25.75 -3.95
CA TYR B 124 -2.93 26.83 -4.52
C TYR B 124 -2.97 26.77 -6.04
N GLU B 125 -2.53 27.87 -6.65
CA GLU B 125 -2.26 27.85 -8.08
C GLU B 125 -1.19 26.81 -8.42
N GLU B 126 -0.27 26.56 -7.51
CA GLU B 126 0.86 25.67 -7.75
C GLU B 126 0.59 24.23 -7.32
N GLY B 127 -0.50 23.95 -6.65
CA GLY B 127 -0.74 22.60 -6.16
C GLY B 127 -1.62 22.62 -4.92
N LEU B 128 -1.48 21.56 -4.14
CA LEU B 128 -2.33 21.33 -2.97
C LEU B 128 -1.48 20.99 -1.75
N ARG B 129 -1.88 21.51 -0.59
CA ARG B 129 -1.25 21.14 0.66
C ARG B 129 -2.29 20.72 1.69
N VAL B 130 -1.92 19.76 2.52
CA VAL B 130 -2.75 19.27 3.62
C VAL B 130 -1.98 19.51 4.91
N VAL B 131 -2.65 20.11 5.90
CA VAL B 131 -2.07 20.34 7.22
C VAL B 131 -2.92 19.61 8.22
N ILE B 132 -2.33 18.72 9.01
CA ILE B 132 -3.06 18.05 10.08
C ILE B 132 -2.41 18.46 11.38
N HIS B 133 -3.20 19.03 12.30
CA HIS B 133 -2.58 19.71 13.45
C HIS B 133 -3.48 19.55 14.66
N THR B 134 -3.16 20.26 15.75
CA THR B 134 -3.88 20.05 16.99
C THR B 134 -4.54 21.31 17.56
N SER B 135 -4.45 22.46 16.90
CA SER B 135 -4.86 23.74 17.48
C SER B 135 -6.27 24.15 17.04
N ASN B 136 -7.06 24.64 18.00
CA ASN B 136 -8.29 25.32 17.62
C ASN B 136 -7.96 26.59 16.86
N LEU B 137 -8.94 27.12 16.13
CA LEU B 137 -8.73 28.37 15.40
C LEU B 137 -9.18 29.56 16.26
N ILE B 138 -8.51 29.70 17.40
CA ILE B 138 -8.70 30.81 18.33
C ILE B 138 -7.33 31.26 18.80
N HIS B 139 -7.24 32.55 19.15
CA HIS B 139 -5.93 33.15 19.51
C HIS B 139 -5.21 32.35 20.58
N ALA B 140 -5.93 31.95 21.64
CA ALA B 140 -5.26 31.33 22.79
C ALA B 140 -4.58 30.01 22.41
N ASP B 141 -5.13 29.27 21.44
CA ASP B 141 -4.52 27.98 21.15
C ASP B 141 -3.19 28.09 20.44
N TRP B 142 -2.84 29.25 19.90
CA TRP B 142 -1.56 29.43 19.21
C TRP B 142 -0.62 30.34 19.99
N HIS B 143 -0.96 30.65 21.24
CA HIS B 143 -0.24 31.67 21.99
C HIS B 143 0.79 31.05 22.92
N GLN B 144 0.34 30.33 23.96
CA GLN B 144 1.28 29.81 24.94
C GLN B 144 1.05 28.33 25.23
N LYS B 145 0.59 27.56 24.23
CA LYS B 145 0.39 26.13 24.40
C LYS B 145 1.40 25.34 23.57
N THR B 146 1.58 24.08 23.96
CA THR B 146 2.32 23.13 23.14
C THR B 146 1.33 22.45 22.21
N GLN B 147 1.48 22.69 20.91
CA GLN B 147 0.60 22.16 19.86
C GLN B 147 1.47 21.57 18.77
N GLY B 148 0.91 20.66 17.98
CA GLY B 148 1.67 19.94 16.98
C GLY B 148 1.07 20.13 15.59
N ILE B 149 1.93 20.11 14.57
CA ILE B 149 1.58 20.38 13.17
C ILE B 149 2.32 19.37 12.30
N TRP B 150 1.60 18.72 11.38
CA TRP B 150 2.23 18.02 10.26
C TRP B 150 1.93 18.77 8.97
N LEU B 151 2.98 19.11 8.23
CA LEU B 151 2.85 19.75 6.91
C LEU B 151 3.09 18.73 5.81
N SER B 152 2.10 18.55 4.93
CA SER B 152 2.32 17.76 3.72
C SER B 152 3.27 18.49 2.77
N PRO B 153 3.86 17.78 1.81
CA PRO B 153 4.57 18.46 0.72
C PRO B 153 3.58 19.25 -0.11
N LEU B 154 4.12 20.09 -0.98
CA LEU B 154 3.31 20.67 -2.05
C LEU B 154 2.99 19.58 -3.05
N TYR B 155 1.72 19.19 -3.13
CA TYR B 155 1.29 18.16 -4.06
C TYR B 155 1.00 18.80 -5.41
N PRO B 156 1.67 18.42 -6.49
CA PRO B 156 1.36 19.00 -7.79
C PRO B 156 0.10 18.38 -8.39
N ARG B 157 -0.48 19.08 -9.36
CA ARG B 157 -1.59 18.49 -10.10
C ARG B 157 -1.04 17.41 -11.02
N ILE B 158 -1.81 16.34 -11.20
CA ILE B 158 -1.42 15.30 -12.15
C ILE B 158 -1.54 15.85 -13.57
N ALA B 159 -0.50 15.64 -14.38
CA ALA B 159 -0.49 16.21 -15.73
C ALA B 159 -1.46 15.47 -16.64
N ASP B 160 -2.10 16.23 -17.52
CA ASP B 160 -2.95 15.62 -18.55
C ASP B 160 -2.17 14.54 -19.30
N GLY B 161 -2.90 13.52 -19.76
CA GLY B 161 -2.30 12.47 -20.55
C GLY B 161 -1.47 11.48 -19.78
N THR B 162 -0.97 11.85 -18.60
CA THR B 162 -0.39 10.84 -17.72
C THR B 162 -1.53 10.15 -16.99
N HIS B 163 -1.33 8.87 -16.72
CA HIS B 163 -2.32 7.99 -16.12
C HIS B 163 -1.72 7.54 -14.79
N LYS B 164 -1.75 8.45 -13.84
CA LYS B 164 -1.19 8.27 -12.52
C LYS B 164 -2.31 8.20 -11.49
N SER B 165 -2.16 7.30 -10.52
CA SER B 165 -3.04 7.28 -9.37
C SER B 165 -2.81 8.48 -8.45
N GLY B 166 -1.57 8.96 -8.39
CA GLY B 166 -1.24 9.97 -7.40
C GLY B 166 -1.17 9.43 -6.00
N GLU B 167 -1.11 8.10 -5.85
CA GLU B 167 -1.16 7.45 -4.55
C GLU B 167 0.25 7.25 -3.99
N SER B 168 0.36 7.32 -2.66
N SER B 168 0.36 7.32 -2.67
CA SER B 168 1.60 7.09 -1.95
CA SER B 168 1.61 7.08 -1.96
C SER B 168 1.71 5.65 -1.48
C SER B 168 1.71 5.64 -1.50
N PRO B 169 2.92 5.16 -1.18
CA PRO B 169 3.03 3.83 -0.56
C PRO B 169 2.24 3.71 0.74
N THR B 170 1.93 4.81 1.42
CA THR B 170 1.13 4.76 2.64
C THR B 170 -0.37 4.83 2.39
N HIS B 171 -0.81 4.86 1.12
N HIS B 171 -0.78 4.90 1.12
CA HIS B 171 -2.22 4.91 0.75
CA HIS B 171 -2.19 4.93 0.73
C HIS B 171 -2.91 6.18 1.25
C HIS B 171 -2.90 6.18 1.27
N PHE B 172 -2.12 7.23 1.54
CA PHE B 172 -2.68 8.43 2.15
C PHE B 172 -3.78 9.07 1.30
N LYS B 173 -3.62 9.04 -0.03
CA LYS B 173 -4.58 9.73 -0.88
C LYS B 173 -5.95 9.07 -0.78
N ALA B 174 -6.00 7.75 -0.99
CA ALA B 174 -7.28 7.05 -0.86
C ALA B 174 -7.83 7.16 0.56
N ASP B 175 -6.94 7.14 1.55
CA ASP B 175 -7.39 7.15 2.94
C ASP B 175 -7.97 8.50 3.34
N LEU B 176 -7.35 9.59 2.88
CA LEU B 176 -7.91 10.91 3.14
C LEU B 176 -9.26 11.07 2.46
N ILE B 177 -9.39 10.57 1.22
CA ILE B 177 -10.68 10.63 0.53
C ILE B 177 -11.73 9.83 1.30
N SER B 178 -11.36 8.64 1.78
N SER B 178 -11.37 8.64 1.77
CA SER B 178 -12.30 7.85 2.57
CA SER B 178 -12.29 7.84 2.58
C SER B 178 -12.73 8.59 3.83
C SER B 178 -12.72 8.60 3.83
N TYR B 179 -11.79 9.28 4.49
CA TYR B 179 -12.15 10.07 5.66
C TYR B 179 -13.17 11.15 5.30
N LEU B 180 -12.93 11.86 4.19
CA LEU B 180 -13.89 12.90 3.78
C LEU B 180 -15.23 12.30 3.35
N MET B 181 -15.21 11.09 2.77
N MET B 181 -15.22 11.10 2.76
CA MET B 181 -16.46 10.49 2.30
CA MET B 181 -16.45 10.48 2.30
C MET B 181 -17.40 10.16 3.45
C MET B 181 -17.41 10.21 3.46
N ALA B 182 -16.87 9.93 4.65
CA ALA B 182 -17.71 9.61 5.80
C ALA B 182 -18.63 10.77 6.18
N TYR B 183 -18.28 12.01 5.81
CA TYR B 183 -19.14 13.15 6.11
C TYR B 183 -20.41 13.14 5.27
N ASN B 184 -20.36 12.60 4.05
CA ASN B 184 -21.50 12.65 3.13
C ASN B 184 -21.93 14.09 2.89
N ALA B 185 -20.96 14.96 2.64
CA ALA B 185 -21.22 16.39 2.55
C ALA B 185 -20.91 16.90 1.14
N PRO B 186 -21.83 17.63 0.50
CA PRO B 186 -21.55 18.11 -0.87
C PRO B 186 -20.34 19.01 -0.97
N SER B 187 -20.09 19.85 0.05
CA SER B 187 -18.93 20.71 0.02
C SER B 187 -17.63 19.92 0.13
N LEU B 188 -17.66 18.75 0.77
CA LEU B 188 -16.45 17.95 0.84
C LEU B 188 -16.28 17.04 -0.36
N LYS B 189 -17.36 16.70 -1.08
CA LYS B 189 -17.19 16.03 -2.36
C LYS B 189 -16.39 16.93 -3.31
N GLU B 190 -16.64 18.25 -3.25
CA GLU B 190 -15.83 19.21 -4.00
C GLU B 190 -14.35 19.04 -3.68
N TRP B 191 -14.02 18.91 -2.40
CA TRP B 191 -12.61 18.78 -2.04
C TRP B 191 -12.06 17.41 -2.43
N ILE B 192 -12.89 16.37 -2.37
CA ILE B 192 -12.45 15.04 -2.84
C ILE B 192 -12.05 15.12 -4.30
N ASP B 193 -12.84 15.83 -5.11
CA ASP B 193 -12.52 15.95 -6.54
C ASP B 193 -11.21 16.72 -6.74
N VAL B 194 -10.97 17.72 -5.90
CA VAL B 194 -9.69 18.44 -5.93
C VAL B 194 -8.55 17.49 -5.62
N ILE B 195 -8.70 16.69 -4.56
CA ILE B 195 -7.64 15.75 -4.18
C ILE B 195 -7.40 14.76 -5.31
N HIS B 196 -8.46 14.27 -5.94
CA HIS B 196 -8.31 13.32 -7.05
C HIS B 196 -7.37 13.86 -8.12
N LYS B 197 -7.41 15.17 -8.36
CA LYS B 197 -6.61 15.77 -9.43
C LYS B 197 -5.14 15.97 -9.05
N HIS B 198 -4.74 15.69 -7.81
CA HIS B 198 -3.38 15.97 -7.39
C HIS B 198 -2.61 14.68 -7.11
N ASP B 199 -1.28 14.83 -7.17
CA ASP B 199 -0.33 13.73 -6.97
C ASP B 199 0.14 13.77 -5.52
N LEU B 200 -0.37 12.85 -4.71
CA LEU B 200 0.03 12.78 -3.31
C LEU B 200 1.07 11.70 -3.04
N SER B 201 1.74 11.21 -4.09
CA SER B 201 2.58 10.02 -3.96
C SER B 201 3.78 10.21 -3.04
N GLU B 202 4.20 11.45 -2.76
CA GLU B 202 5.35 11.66 -1.89
C GLU B 202 5.00 11.54 -0.40
N THR B 203 3.74 11.37 -0.05
CA THR B 203 3.34 11.34 1.36
C THR B 203 3.95 10.15 2.06
N ASN B 204 4.64 10.39 3.18
CA ASN B 204 5.29 9.33 3.92
C ASN B 204 4.68 9.08 5.31
N VAL B 205 3.49 9.62 5.61
CA VAL B 205 2.76 9.31 6.83
C VAL B 205 1.51 8.51 6.48
N TYR B 206 0.99 7.80 7.49
CA TYR B 206 -0.29 7.10 7.41
C TYR B 206 -1.39 7.89 8.12
N LEU B 207 -2.57 7.95 7.51
CA LEU B 207 -3.69 8.65 8.13
C LEU B 207 -4.39 7.75 9.14
N ILE B 208 -4.70 8.28 10.32
CA ILE B 208 -5.49 7.56 11.30
C ILE B 208 -6.65 8.44 11.74
N GLY B 209 -7.85 8.11 11.27
CA GLY B 209 -8.99 8.92 11.64
C GLY B 209 -10.00 8.17 12.44
N SER B 210 -10.91 8.92 13.06
CA SER B 210 -12.11 8.40 13.66
C SER B 210 -13.29 9.14 13.04
N THR B 211 -14.36 8.41 12.76
CA THR B 211 -15.62 9.02 12.38
C THR B 211 -16.74 8.36 13.17
N PRO B 212 -17.86 9.04 13.39
CA PRO B 212 -18.92 8.45 14.20
C PRO B 212 -19.56 7.25 13.50
N GLY B 213 -19.88 6.24 14.28
CA GLY B 213 -20.60 5.11 13.75
C GLY B 213 -20.39 3.87 14.62
N ARG B 214 -21.00 2.79 14.15
N ARG B 214 -20.98 2.77 14.15
CA ARG B 214 -20.88 1.47 14.77
CA ARG B 214 -20.87 1.47 14.79
C ARG B 214 -20.42 0.53 13.65
C ARG B 214 -20.44 0.49 13.70
N PHE B 215 -19.14 0.16 13.68
CA PHE B 215 -18.53 -0.58 12.60
C PHE B 215 -18.38 -2.05 12.96
N GLN B 216 -18.74 -2.92 12.01
CA GLN B 216 -18.65 -4.36 12.19
C GLN B 216 -17.74 -4.95 11.12
N GLY B 217 -17.22 -6.14 11.43
CA GLY B 217 -16.40 -6.87 10.46
C GLY B 217 -15.20 -6.08 10.00
N SER B 218 -14.96 -6.12 8.69
CA SER B 218 -13.79 -5.46 8.12
C SER B 218 -13.78 -3.96 8.39
N GLN B 219 -14.96 -3.34 8.46
CA GLN B 219 -15.02 -1.90 8.63
C GLN B 219 -14.46 -1.44 9.97
N LYS B 220 -14.37 -2.33 10.97
CA LYS B 220 -13.70 -1.99 12.21
C LYS B 220 -12.28 -1.50 11.97
N ASP B 221 -11.60 -2.06 10.97
CA ASP B 221 -10.20 -1.74 10.70
C ASP B 221 -10.01 -0.33 10.14
N ASN B 222 -11.08 0.36 9.76
CA ASN B 222 -10.97 1.65 9.10
C ASN B 222 -10.67 2.81 10.05
N TRP B 223 -11.01 2.67 11.34
CA TRP B 223 -11.09 3.83 12.22
C TRP B 223 -10.54 3.53 13.60
N GLY B 224 -10.17 4.60 14.30
CA GLY B 224 -9.90 4.53 15.73
C GLY B 224 -8.76 3.59 16.04
N HIS B 225 -8.85 2.93 17.20
CA HIS B 225 -7.70 2.15 17.65
C HIS B 225 -7.53 0.86 16.85
N PHE B 226 -8.61 0.33 16.26
CA PHE B 226 -8.45 -0.81 15.36
C PHE B 226 -7.70 -0.41 14.08
N ARG B 227 -7.88 0.83 13.63
CA ARG B 227 -7.09 1.32 12.49
C ARG B 227 -5.61 1.36 12.83
N LEU B 228 -5.27 1.89 14.01
CA LEU B 228 -3.88 1.91 14.44
C LEU B 228 -3.32 0.49 14.53
N LYS B 229 -4.11 -0.44 15.07
CA LYS B 229 -3.60 -1.80 15.22
C LYS B 229 -3.34 -2.44 13.86
N LYS B 230 -4.20 -2.17 12.87
CA LYS B 230 -3.98 -2.76 11.56
C LYS B 230 -2.71 -2.21 10.92
N LEU B 231 -2.49 -0.92 11.05
CA LEU B 231 -1.27 -0.30 10.53
C LEU B 231 -0.03 -0.88 11.19
N LEU B 232 -0.06 -1.03 12.53
CA LEU B 232 1.08 -1.59 13.24
C LEU B 232 1.32 -3.05 12.87
N LYS B 233 0.24 -3.80 12.67
CA LYS B 233 0.37 -5.20 12.25
C LYS B 233 1.00 -5.30 10.87
N ASP B 234 0.52 -4.49 9.92
CA ASP B 234 0.94 -4.64 8.52
C ASP B 234 2.27 -3.97 8.22
N HIS B 235 2.64 -2.91 8.94
CA HIS B 235 3.74 -2.07 8.50
C HIS B 235 4.79 -1.81 9.56
N ALA B 236 4.68 -2.45 10.73
CA ALA B 236 5.73 -2.41 11.74
C ALA B 236 6.23 -3.84 11.99
N SER B 237 7.45 -3.94 12.49
CA SER B 237 8.04 -5.23 12.81
C SER B 237 8.18 -5.38 14.32
N SER B 238 8.10 -6.63 14.79
CA SER B 238 8.32 -6.91 16.20
C SER B 238 9.79 -7.25 16.44
N MET B 239 10.34 -6.68 17.49
CA MET B 239 11.73 -6.89 17.87
C MET B 239 11.82 -7.83 19.05
N PRO B 240 13.02 -8.33 19.37
CA PRO B 240 13.18 -9.12 20.59
C PRO B 240 12.83 -8.28 21.81
N ASN B 241 12.26 -8.96 22.82
CA ASN B 241 11.92 -8.31 24.09
C ASN B 241 10.98 -7.14 23.89
N ALA B 242 10.13 -7.20 22.85
CA ALA B 242 9.18 -6.12 22.60
C ALA B 242 8.36 -5.80 23.84
N GLU B 243 8.09 -6.80 24.69
CA GLU B 243 7.33 -6.56 25.91
C GLU B 243 7.99 -5.54 26.82
N SER B 244 9.30 -5.31 26.66
CA SER B 244 9.98 -4.30 27.46
C SER B 244 9.96 -2.92 26.82
N TRP B 245 9.41 -2.79 25.60
CA TRP B 245 9.28 -1.49 24.95
C TRP B 245 8.00 -0.82 25.45
N PRO B 246 8.10 0.25 26.25
CA PRO B 246 6.91 0.90 26.80
C PRO B 246 6.02 1.49 25.72
N VAL B 247 4.81 1.84 26.14
CA VAL B 247 3.93 2.69 25.37
C VAL B 247 3.73 3.98 26.13
N VAL B 248 3.74 5.10 25.41
CA VAL B 248 3.52 6.42 25.97
C VAL B 248 2.29 7.01 25.32
N GLY B 249 1.37 7.50 26.15
CA GLY B 249 0.23 8.28 25.67
C GLY B 249 0.25 9.63 26.36
N GLN B 250 -0.03 10.67 25.58
CA GLN B 250 0.11 12.05 26.03
C GLN B 250 -1.06 12.85 25.48
N PHE B 251 -1.85 13.48 26.36
CA PHE B 251 -3.17 13.97 25.96
C PHE B 251 -3.56 15.15 26.82
N SER B 252 -4.68 15.77 26.46
CA SER B 252 -5.19 16.92 27.20
C SER B 252 -6.54 16.64 27.85
N SER B 253 -7.11 15.45 27.67
CA SER B 253 -8.37 15.16 28.30
C SER B 253 -8.44 13.66 28.59
N VAL B 254 -9.22 13.31 29.61
CA VAL B 254 -9.39 11.94 30.05
C VAL B 254 -10.88 11.63 30.08
N GLY B 255 -11.28 10.55 29.39
CA GLY B 255 -12.66 10.11 29.43
C GLY B 255 -12.89 9.12 30.56
N SER B 256 -14.14 8.65 30.65
N SER B 256 -14.13 8.64 30.64
CA SER B 256 -14.48 7.63 31.62
CA SER B 256 -14.50 7.61 31.60
C SER B 256 -14.09 6.27 31.07
C SER B 256 -14.08 6.26 31.05
N LEU B 257 -13.13 5.62 31.72
CA LEU B 257 -12.52 4.39 31.19
C LEU B 257 -13.04 3.11 31.84
N GLY B 258 -13.84 3.21 32.89
CA GLY B 258 -14.38 2.03 33.55
C GLY B 258 -13.76 1.82 34.92
N ALA B 259 -14.25 0.77 35.59
CA ALA B 259 -13.94 0.53 37.00
C ALA B 259 -12.52 0.04 37.23
N ASP B 260 -11.86 -0.53 36.22
CA ASP B 260 -10.47 -0.97 36.35
C ASP B 260 -9.83 -0.99 34.98
N GLU B 261 -8.53 -1.32 34.95
CA GLU B 261 -7.76 -1.37 33.71
C GLU B 261 -8.41 -2.29 32.68
N SER B 262 -8.98 -3.41 33.12
CA SER B 262 -9.41 -4.45 32.20
C SER B 262 -10.67 -4.09 31.44
N LYS B 263 -11.35 -3.00 31.79
CA LYS B 263 -12.60 -2.69 31.11
C LYS B 263 -12.37 -2.15 29.71
N TRP B 264 -11.28 -1.41 29.50
CA TRP B 264 -11.02 -0.84 28.19
C TRP B 264 -9.54 -0.50 27.99
N LEU B 265 -8.94 0.15 28.99
CA LEU B 265 -7.61 0.72 28.81
C LEU B 265 -6.58 -0.35 28.47
N CYS B 266 -6.50 -1.38 29.29
CA CYS B 266 -5.51 -2.43 29.10
C CYS B 266 -6.05 -3.59 28.29
N SER B 267 -7.37 -3.72 28.20
CA SER B 267 -7.95 -4.81 27.40
C SER B 267 -7.86 -4.47 25.91
N GLU B 268 -8.62 -3.47 25.45
CA GLU B 268 -8.69 -3.25 24.02
C GLU B 268 -7.87 -2.06 23.53
N PHE B 269 -7.70 -1.01 24.33
CA PHE B 269 -6.90 0.14 23.89
C PHE B 269 -5.41 -0.23 23.83
N LYS B 270 -4.87 -0.74 24.93
CA LYS B 270 -3.45 -1.06 24.93
C LYS B 270 -3.15 -2.25 24.02
N GLU B 271 -4.09 -3.19 23.88
CA GLU B 271 -3.87 -4.32 22.98
C GLU B 271 -3.59 -3.85 21.56
N SER B 272 -4.37 -2.88 21.07
CA SER B 272 -4.08 -2.32 19.76
C SER B 272 -2.74 -1.61 19.74
N MET B 273 -2.47 -0.80 20.77
CA MET B 273 -1.28 0.03 20.71
C MET B 273 0.01 -0.75 20.93
N LEU B 274 -0.05 -1.96 21.50
N LEU B 274 -0.05 -1.95 21.49
CA LEU B 274 1.10 -2.82 21.68
CA LEU B 274 1.16 -2.76 21.65
C LEU B 274 1.48 -3.57 20.41
C LEU B 274 1.42 -3.66 20.46
N THR B 275 0.58 -3.61 19.43
CA THR B 275 0.77 -4.45 18.26
C THR B 275 2.02 -4.06 17.50
N LEU B 276 2.78 -5.07 17.06
CA LEU B 276 3.89 -4.90 16.14
C LEU B 276 4.00 -6.15 15.29
N GLY B 277 3.87 -6.01 13.97
CA GLY B 277 4.04 -7.14 13.08
C GLY B 277 2.82 -8.03 13.00
N LYS B 278 2.90 -9.03 12.12
CA LYS B 278 1.75 -9.84 11.74
C LYS B 278 1.64 -11.14 12.52
N GLU B 279 2.51 -11.36 13.50
CA GLU B 279 2.53 -12.61 14.24
C GLU B 279 1.75 -12.46 15.54
N SER B 280 1.79 -13.48 16.39
CA SER B 280 1.07 -13.46 17.65
C SER B 280 2.02 -13.51 18.84
N SER B 286 -0.37 -8.48 29.84
CA SER B 286 0.84 -7.93 29.24
C SER B 286 1.61 -7.10 30.25
N SER B 287 2.93 -7.28 30.28
CA SER B 287 3.81 -6.58 31.21
C SER B 287 4.40 -5.30 30.62
N VAL B 288 3.89 -4.86 29.48
CA VAL B 288 4.46 -3.67 28.82
C VAL B 288 4.19 -2.44 29.69
N PRO B 289 5.21 -1.66 30.05
CA PRO B 289 4.97 -0.48 30.88
C PRO B 289 4.17 0.56 30.11
N LEU B 290 3.22 1.18 30.82
CA LEU B 290 2.33 2.17 30.22
C LEU B 290 2.57 3.51 30.90
N TYR B 291 2.94 4.52 30.12
CA TYR B 291 3.17 5.88 30.60
C TYR B 291 2.10 6.79 30.04
N LEU B 292 1.33 7.42 30.91
CA LEU B 292 0.34 8.41 30.51
C LEU B 292 0.84 9.78 30.97
N ILE B 293 1.00 10.71 30.03
CA ILE B 293 1.48 12.05 30.36
C ILE B 293 0.28 13.00 30.38
N TYR B 294 0.03 13.62 31.53
CA TYR B 294 -1.10 14.51 31.68
C TYR B 294 -0.76 15.55 32.74
N PRO B 295 -1.03 16.83 32.48
CA PRO B 295 -0.58 17.88 33.42
C PRO B 295 -1.12 17.70 34.83
N SER B 296 -0.23 17.83 35.80
CA SER B 296 -0.64 17.93 37.19
C SER B 296 -1.23 19.31 37.48
N VAL B 297 -1.84 19.43 38.66
CA VAL B 297 -2.27 20.75 39.13
C VAL B 297 -1.09 21.72 39.16
N GLU B 298 0.04 21.26 39.70
N GLU B 298 0.05 21.27 39.70
CA GLU B 298 1.22 22.13 39.77
CA GLU B 298 1.21 22.15 39.78
C GLU B 298 1.69 22.54 38.39
C GLU B 298 1.71 22.53 38.39
N ASN B 299 1.66 21.61 37.43
CA ASN B 299 2.00 21.93 36.05
C ASN B 299 1.15 23.09 35.55
N VAL B 300 -0.16 23.02 35.78
CA VAL B 300 -1.05 24.07 35.30
C VAL B 300 -0.82 25.36 36.08
N ARG B 301 -0.73 25.25 37.41
CA ARG B 301 -0.63 26.43 38.26
C ARG B 301 0.57 27.30 37.88
N THR B 302 1.71 26.69 37.56
CA THR B 302 2.90 27.47 37.30
C THR B 302 3.18 27.65 35.81
N SER B 303 2.17 27.42 34.97
CA SER B 303 2.38 27.49 33.53
C SER B 303 2.39 28.94 33.04
N LEU B 304 2.70 29.12 31.76
CA LEU B 304 2.66 30.46 31.18
C LEU B 304 1.28 31.08 31.31
N GLU B 305 0.23 30.28 31.13
CA GLU B 305 -1.14 30.79 31.22
C GLU B 305 -1.69 30.79 32.64
N GLY B 306 -1.13 29.97 33.53
CA GLY B 306 -1.74 29.79 34.82
C GLY B 306 -2.95 28.88 34.75
N TYR B 307 -3.84 29.04 35.74
CA TYR B 307 -5.02 28.20 35.81
C TYR B 307 -5.88 28.22 34.55
N PRO B 308 -6.00 29.34 33.81
CA PRO B 308 -6.85 29.31 32.60
C PRO B 308 -6.43 28.27 31.57
N ALA B 309 -5.18 27.80 31.60
CA ALA B 309 -4.82 26.66 30.75
C ALA B 309 -5.70 25.45 31.04
N GLY B 310 -6.18 25.34 32.27
CA GLY B 310 -7.06 24.25 32.66
C GLY B 310 -8.40 24.25 31.98
N GLY B 311 -8.80 25.37 31.38
CA GLY B 311 -10.02 25.38 30.59
C GLY B 311 -9.93 24.53 29.34
N SER B 312 -8.71 24.13 28.96
CA SER B 312 -8.47 23.26 27.81
C SER B 312 -7.89 21.92 28.24
N LEU B 313 -8.07 21.56 29.50
CA LEU B 313 -7.65 20.26 30.03
C LEU B 313 -8.87 19.65 30.74
N PRO B 314 -9.83 19.13 29.96
CA PRO B 314 -11.09 18.67 30.55
C PRO B 314 -10.94 17.31 31.21
N TYR B 315 -11.05 17.30 32.52
CA TYR B 315 -11.09 16.07 33.31
C TYR B 315 -11.97 16.41 34.50
N SER B 316 -13.14 15.80 34.55
CA SER B 316 -14.14 16.15 35.54
C SER B 316 -13.98 15.32 36.81
N ILE B 317 -14.34 15.93 37.94
CA ILE B 317 -14.18 15.22 39.21
C ILE B 317 -15.12 14.03 39.27
N GLN B 318 -16.28 14.11 38.61
CA GLN B 318 -17.21 12.99 38.64
C GLN B 318 -16.61 11.77 37.99
N THR B 319 -15.88 11.96 36.89
CA THR B 319 -15.21 10.87 36.22
C THR B 319 -13.99 10.41 37.00
N ALA B 320 -13.11 11.35 37.35
CA ALA B 320 -11.90 11.03 38.11
C ALA B 320 -12.22 10.21 39.36
N GLU B 321 -13.32 10.55 40.05
CA GLU B 321 -13.70 9.84 41.27
C GLU B 321 -13.94 8.37 41.03
N LYS B 322 -14.34 7.99 39.81
CA LYS B 322 -14.68 6.61 39.50
C LYS B 322 -13.49 5.80 39.00
N GLN B 323 -12.33 6.43 38.81
CA GLN B 323 -11.20 5.74 38.20
C GLN B 323 -9.89 6.24 38.80
N ASN B 324 -9.82 6.25 40.14
CA ASN B 324 -8.56 6.61 40.78
C ASN B 324 -7.47 5.60 40.48
N TRP B 325 -7.82 4.35 40.11
CA TRP B 325 -6.83 3.38 39.67
C TRP B 325 -5.97 3.92 38.54
N LEU B 326 -6.54 4.80 37.72
CA LEU B 326 -5.83 5.25 36.52
C LEU B 326 -4.65 6.15 36.85
N HIS B 327 -4.71 6.86 37.98
CA HIS B 327 -3.75 7.93 38.22
C HIS B 327 -2.37 7.44 38.60
N SER B 328 -2.23 6.17 39.00
N SER B 328 -2.24 6.17 38.99
CA SER B 328 -0.92 5.61 39.23
CA SER B 328 -0.92 5.58 39.23
C SER B 328 -0.10 5.47 37.95
C SER B 328 -0.11 5.45 37.95
N TYR B 329 -0.73 5.65 36.79
CA TYR B 329 -0.01 5.65 35.52
C TYR B 329 0.39 7.04 35.08
N PHE B 330 0.04 8.08 35.84
CA PHE B 330 0.16 9.45 35.36
C PHE B 330 1.54 10.03 35.62
N HIS B 331 2.05 10.74 34.60
CA HIS B 331 3.35 11.37 34.60
C HIS B 331 3.20 12.83 34.24
N LYS B 332 4.08 13.66 34.82
CA LYS B 332 3.98 15.11 34.67
C LYS B 332 4.31 15.54 33.25
N TRP B 333 3.82 16.72 32.87
CA TRP B 333 4.27 17.36 31.64
C TRP B 333 5.66 17.97 31.88
N SER B 334 6.63 17.57 31.08
CA SER B 334 7.95 18.19 31.13
C SER B 334 8.48 18.21 29.70
N ALA B 335 8.97 19.36 29.27
CA ALA B 335 9.40 19.55 27.89
C ALA B 335 10.61 20.48 27.85
N GLU B 336 11.59 20.23 28.72
CA GLU B 336 12.84 20.99 28.65
C GLU B 336 13.47 20.89 27.26
N THR B 337 13.34 19.74 26.61
CA THR B 337 13.95 19.54 25.30
C THR B 337 13.51 20.60 24.30
N SER B 338 12.27 21.07 24.42
CA SER B 338 11.73 22.07 23.51
C SER B 338 11.41 23.38 24.23
N GLY B 339 11.92 23.55 25.45
CA GLY B 339 11.69 24.77 26.23
C GLY B 339 10.24 25.02 26.57
N ARG B 340 9.42 23.96 26.64
CA ARG B 340 7.97 24.13 26.72
C ARG B 340 7.36 23.51 27.97
N SER B 341 8.14 23.32 29.04
CA SER B 341 7.58 22.77 30.27
C SER B 341 6.44 23.61 30.81
N ASN B 342 6.45 24.92 30.55
CA ASN B 342 5.42 25.81 31.06
C ASN B 342 4.38 26.14 30.02
N ALA B 343 4.47 25.52 28.83
CA ALA B 343 3.48 25.72 27.77
C ALA B 343 2.58 24.48 27.77
N MET B 344 1.40 24.61 28.36
CA MET B 344 0.59 23.42 28.61
C MET B 344 0.24 22.72 27.30
N PRO B 345 0.18 21.39 27.30
CA PRO B 345 -0.07 20.63 26.07
C PRO B 345 -1.55 20.63 25.66
N HIS B 346 -1.80 21.03 24.43
CA HIS B 346 -3.03 20.67 23.72
C HIS B 346 -2.72 19.75 22.53
N ILE B 347 -1.44 19.50 22.27
CA ILE B 347 -1.04 18.40 21.39
C ILE B 347 -1.47 17.08 22.04
N LYS B 348 -1.71 16.06 21.19
CA LYS B 348 -1.90 14.69 21.67
C LYS B 348 -0.94 13.80 20.91
N THR B 349 -0.19 12.96 21.61
CA THR B 349 0.79 12.10 20.95
C THR B 349 0.79 10.72 21.60
N TYR B 350 1.16 9.73 20.80
CA TYR B 350 1.30 8.35 21.27
C TYR B 350 2.53 7.77 20.59
N MET B 351 3.28 6.95 21.30
CA MET B 351 4.50 6.41 20.69
C MET B 351 4.99 5.20 21.46
N ARG B 352 5.97 4.51 20.87
CA ARG B 352 6.45 3.23 21.38
C ARG B 352 7.96 3.29 21.52
N PRO B 353 8.47 3.81 22.64
CA PRO B 353 9.93 3.93 22.80
C PRO B 353 10.58 2.62 23.23
N SER B 354 11.88 2.57 23.03
CA SER B 354 12.70 1.45 23.48
C SER B 354 12.86 1.50 25.00
N PRO B 355 13.32 0.41 25.63
CA PRO B 355 13.44 0.41 27.10
C PRO B 355 14.26 1.56 27.66
N ASP B 356 15.27 2.05 26.94
CA ASP B 356 16.06 3.17 27.42
C ASP B 356 15.65 4.49 26.80
N PHE B 357 14.52 4.53 26.08
CA PHE B 357 13.92 5.75 25.53
C PHE B 357 14.82 6.45 24.51
N SER B 358 15.85 5.75 24.00
CA SER B 358 16.72 6.32 22.99
C SER B 358 16.17 6.17 21.58
N LYS B 359 15.21 5.28 21.37
CA LYS B 359 14.63 5.03 20.05
C LYS B 359 13.13 4.92 20.21
N ILE B 360 12.40 5.07 19.11
CA ILE B 360 10.96 4.81 19.11
C ILE B 360 10.60 3.99 17.88
N ALA B 361 9.62 3.09 18.05
CA ALA B 361 9.18 2.23 16.96
C ALA B 361 8.15 2.91 16.08
N TRP B 362 7.51 3.97 16.56
CA TRP B 362 6.55 4.75 15.80
C TRP B 362 6.12 5.93 16.66
N PHE B 363 5.48 6.90 16.01
CA PHE B 363 5.04 8.14 16.63
C PHE B 363 3.75 8.57 15.97
N LEU B 364 2.75 8.92 16.78
CA LEU B 364 1.47 9.39 16.30
C LEU B 364 1.19 10.76 16.90
N VAL B 365 0.80 11.73 16.05
CA VAL B 365 0.24 13.00 16.53
C VAL B 365 -1.20 13.06 16.05
N THR B 366 -2.11 13.47 16.93
CA THR B 366 -3.52 13.29 16.63
C THR B 366 -4.34 14.28 17.45
N SER B 367 -5.63 14.32 17.15
CA SER B 367 -6.57 15.04 18.01
C SER B 367 -7.13 14.18 19.14
N ALA B 368 -6.97 12.86 19.07
CA ALA B 368 -7.69 11.97 19.97
C ALA B 368 -7.07 11.93 21.37
N ASN B 369 -7.90 12.20 22.38
CA ASN B 369 -7.51 12.12 23.78
C ASN B 369 -7.68 10.68 24.29
N LEU B 370 -7.47 10.49 25.60
CA LEU B 370 -7.61 9.17 26.22
C LEU B 370 -9.09 8.93 26.53
N SER B 371 -9.84 8.62 25.47
CA SER B 371 -11.29 8.55 25.57
C SER B 371 -11.83 7.45 24.66
N LYS B 372 -12.83 6.73 25.17
CA LYS B 372 -13.50 5.75 24.32
C LYS B 372 -14.24 6.42 23.17
N ALA B 373 -14.68 7.67 23.36
CA ALA B 373 -15.43 8.36 22.32
C ALA B 373 -14.54 8.64 21.12
N ALA B 374 -13.27 8.95 21.38
CA ALA B 374 -12.32 9.28 20.32
C ALA B 374 -11.74 8.02 19.67
N TRP B 375 -11.40 7.01 20.47
CA TRP B 375 -10.68 5.86 19.95
C TRP B 375 -11.59 4.70 19.59
N GLY B 376 -12.79 4.63 20.15
CA GLY B 376 -13.68 3.53 19.87
C GLY B 376 -13.73 2.54 21.01
N ALA B 377 -14.90 1.93 21.20
CA ALA B 377 -15.11 0.93 22.24
C ALA B 377 -15.93 -0.21 21.67
N LEU B 378 -15.52 -1.44 21.97
CA LEU B 378 -16.21 -2.60 21.43
C LEU B 378 -17.59 -2.77 22.07
N GLU B 379 -18.52 -3.23 21.26
CA GLU B 379 -19.90 -3.47 21.69
C GLU B 379 -20.36 -4.81 21.13
N LYS B 380 -21.46 -5.30 21.68
CA LYS B 380 -22.12 -6.53 21.22
C LYS B 380 -21.12 -7.67 21.08
N ASN B 381 -20.45 -7.96 22.19
CA ASN B 381 -19.44 -9.03 22.27
C ASN B 381 -18.40 -8.90 21.17
N GLY B 382 -17.75 -7.73 21.12
CA GLY B 382 -16.64 -7.52 20.22
C GLY B 382 -16.97 -7.52 18.75
N THR B 383 -18.25 -7.51 18.39
CA THR B 383 -18.64 -7.48 16.99
C THR B 383 -18.69 -6.06 16.42
N GLN B 384 -18.86 -5.05 17.27
CA GLN B 384 -19.11 -3.68 16.85
C GLN B 384 -18.12 -2.74 17.52
N LEU B 385 -17.49 -1.87 16.75
CA LEU B 385 -16.67 -0.79 17.29
C LEU B 385 -17.48 0.50 17.20
N MET B 386 -17.82 1.07 18.36
CA MET B 386 -18.61 2.29 18.41
C MET B 386 -17.69 3.49 18.62
N ILE B 387 -17.80 4.47 17.74
CA ILE B 387 -17.06 5.72 17.81
C ILE B 387 -18.05 6.87 17.79
N ARG B 388 -17.84 7.86 18.66
CA ARG B 388 -18.78 8.97 18.74
C ARG B 388 -18.38 10.18 17.92
N SER B 389 -17.09 10.37 17.66
CA SER B 389 -16.57 11.67 17.27
C SER B 389 -15.72 11.57 16.01
N TYR B 390 -15.44 12.75 15.42
CA TYR B 390 -14.44 12.89 14.38
C TYR B 390 -13.10 13.22 15.00
N GLU B 391 -12.06 12.46 14.64
CA GLU B 391 -10.70 12.69 15.10
C GLU B 391 -9.76 12.41 13.94
N LEU B 392 -8.55 12.96 14.00
CA LEU B 392 -7.61 12.73 12.90
C LEU B 392 -6.19 12.94 13.37
N GLY B 393 -5.30 12.06 12.93
CA GLY B 393 -3.89 12.17 13.20
C GLY B 393 -3.09 11.51 12.09
N VAL B 394 -1.76 11.63 12.18
CA VAL B 394 -0.87 10.98 11.21
C VAL B 394 0.16 10.18 11.97
N LEU B 395 0.50 9.01 11.41
CA LEU B 395 1.40 8.05 12.02
C LEU B 395 2.72 8.01 11.26
N PHE B 396 3.81 8.17 12.01
CA PHE B 396 5.17 8.05 11.51
C PHE B 396 5.67 6.64 11.80
N LEU B 397 5.91 5.85 10.75
CA LEU B 397 6.48 4.50 10.86
C LEU B 397 7.88 4.49 10.25
N PRO B 398 8.88 3.94 10.95
CA PRO B 398 10.24 3.93 10.38
C PRO B 398 10.32 3.35 8.97
N SER B 399 9.56 2.30 8.68
CA SER B 399 9.66 1.68 7.36
C SER B 399 9.31 2.65 6.25
N ALA B 400 8.41 3.61 6.51
CA ALA B 400 8.04 4.59 5.49
C ALA B 400 9.19 5.52 5.15
N PHE B 401 10.24 5.53 5.97
CA PHE B 401 11.41 6.36 5.77
C PHE B 401 12.65 5.53 5.50
N GLY B 402 12.48 4.23 5.24
CA GLY B 402 13.61 3.35 5.03
C GLY B 402 14.43 3.11 6.27
N LEU B 403 13.83 3.29 7.45
CA LEU B 403 14.52 3.12 8.72
C LEU B 403 13.92 1.93 9.47
N ASP B 404 14.71 1.38 10.40
CA ASP B 404 14.18 0.34 11.27
C ASP B 404 13.61 0.89 12.56
N SER B 405 14.06 2.08 12.97
CA SER B 405 13.50 2.80 14.10
C SER B 405 13.87 4.26 13.93
N PHE B 406 13.34 5.10 14.83
CA PHE B 406 13.69 6.51 14.91
C PHE B 406 14.54 6.76 16.14
N LYS B 407 15.69 7.42 15.95
N LYS B 407 15.70 7.40 15.95
CA LYS B 407 16.44 7.92 17.08
CA LYS B 407 16.44 7.93 17.07
C LYS B 407 15.76 9.17 17.64
C LYS B 407 15.70 9.12 17.65
N VAL B 408 15.73 9.28 18.98
CA VAL B 408 14.97 10.31 19.66
C VAL B 408 15.83 11.54 19.93
N LYS B 409 15.30 12.73 19.60
CA LYS B 409 15.98 13.97 19.99
C LYS B 409 15.68 14.32 21.44
N GLN B 410 16.72 14.67 22.18
CA GLN B 410 16.57 15.05 23.58
C GLN B 410 17.32 16.36 23.83
N LYS B 411 17.23 16.85 25.07
CA LYS B 411 17.89 18.09 25.44
C LYS B 411 19.41 17.94 25.43
N PHE B 412 19.92 16.95 26.18
CA PHE B 412 21.36 16.76 26.25
C PHE B 412 21.93 16.15 24.98
N PHE B 413 23.12 16.59 24.59
CA PHE B 413 23.86 15.94 23.52
C PHE B 413 25.34 15.96 23.87
N ALA B 414 26.05 14.90 23.47
CA ALA B 414 27.49 14.77 23.68
C ALA B 414 28.15 14.88 22.31
N GLY B 415 28.52 16.11 21.94
CA GLY B 415 29.14 16.37 20.65
C GLY B 415 28.97 17.79 20.15
N ALA B 421 19.63 14.71 13.17
CA ALA B 421 19.25 13.41 12.61
C ALA B 421 18.50 12.56 13.64
N THR B 422 17.41 13.12 14.16
CA THR B 422 16.57 12.45 15.14
C THR B 422 15.11 12.75 14.82
N PHE B 423 14.20 11.96 15.40
CA PHE B 423 12.80 12.38 15.38
C PHE B 423 12.53 13.37 16.51
N PRO B 424 11.90 14.51 16.22
CA PRO B 424 11.75 15.58 17.22
C PRO B 424 10.60 15.31 18.19
N VAL B 425 10.80 14.35 19.07
CA VAL B 425 9.86 14.17 20.18
C VAL B 425 9.83 15.45 21.00
N PRO B 426 8.67 16.04 21.25
CA PRO B 426 8.64 17.41 21.79
C PRO B 426 8.67 17.51 23.31
N TYR B 427 8.63 16.41 24.05
CA TYR B 427 8.71 16.44 25.49
C TYR B 427 9.76 15.45 25.97
N ASP B 428 10.07 15.53 27.26
CA ASP B 428 11.22 14.84 27.82
C ASP B 428 10.95 13.36 28.05
N LEU B 429 11.98 12.55 27.86
CA LEU B 429 11.97 11.13 28.14
C LEU B 429 13.13 10.80 29.07
N PRO B 430 12.96 9.85 30.02
CA PRO B 430 11.70 9.16 30.29
C PRO B 430 10.72 10.11 30.96
N PRO B 431 9.42 9.84 30.89
CA PRO B 431 8.46 10.69 31.61
C PRO B 431 8.64 10.55 33.11
N GLU B 432 8.32 11.63 33.83
CA GLU B 432 8.54 11.68 35.28
C GLU B 432 7.22 11.40 35.99
N LEU B 433 7.23 10.41 36.88
CA LEU B 433 6.02 10.05 37.61
C LEU B 433 5.54 11.20 38.49
N TYR B 434 4.22 11.27 38.70
CA TYR B 434 3.67 12.20 39.67
C TYR B 434 4.31 11.98 41.04
N GLY B 435 4.54 13.07 41.76
CA GLY B 435 4.92 12.96 43.16
C GLY B 435 3.72 12.58 44.02
N SER B 436 4.02 12.17 45.26
CA SER B 436 2.95 11.79 46.18
C SER B 436 2.01 12.94 46.45
N LYS B 437 2.49 14.18 46.36
CA LYS B 437 1.67 15.37 46.57
C LYS B 437 0.93 15.79 45.30
N ASP B 438 1.29 15.25 44.14
CA ASP B 438 0.72 15.72 42.90
C ASP B 438 -0.69 15.16 42.70
N ARG B 439 -1.51 15.92 42.00
CA ARG B 439 -2.82 15.45 41.59
C ARG B 439 -3.02 15.81 40.13
N PRO B 440 -3.75 14.99 39.38
CA PRO B 440 -4.05 15.37 38.00
C PRO B 440 -4.90 16.63 37.98
N TRP B 441 -4.68 17.46 36.95
CA TRP B 441 -5.53 18.62 36.78
C TRP B 441 -6.97 18.15 36.60
N ILE B 442 -7.87 18.63 37.46
CA ILE B 442 -9.30 18.35 37.36
C ILE B 442 -9.99 19.70 37.20
N TRP B 443 -10.67 19.89 36.07
CA TRP B 443 -10.96 21.25 35.64
C TRP B 443 -12.17 21.88 36.31
N ASN B 444 -13.01 21.10 37.02
CA ASN B 444 -14.25 21.66 37.53
C ASN B 444 -14.32 21.63 39.06
N ILE B 445 -13.18 21.71 39.71
CA ILE B 445 -13.11 21.96 41.15
C ILE B 445 -12.29 23.22 41.36
N PRO B 446 -12.41 23.88 42.50
CA PRO B 446 -11.65 25.11 42.71
C PRO B 446 -10.24 24.86 43.20
N TYR B 447 -9.35 25.77 42.80
CA TYR B 447 -7.99 25.83 43.35
C TYR B 447 -7.82 27.24 43.92
N VAL B 448 -7.89 27.35 45.25
CA VAL B 448 -7.91 28.67 45.89
C VAL B 448 -6.86 28.76 46.99
N LYS B 449 -6.02 27.74 47.11
CA LYS B 449 -5.05 27.68 48.20
C LYS B 449 -3.71 28.29 47.81
N ALA B 450 -3.39 28.28 46.52
CA ALA B 450 -2.14 28.81 46.01
C ALA B 450 -2.41 29.52 44.69
N PRO B 451 -2.02 30.79 44.56
CA PRO B 451 -2.24 31.52 43.31
C PRO B 451 -1.39 30.94 42.19
N ASP B 452 -1.82 31.20 40.96
CA ASP B 452 -1.09 30.73 39.80
C ASP B 452 -0.04 31.77 39.39
N THR B 453 0.51 31.58 38.19
CA THR B 453 1.55 32.43 37.64
C THR B 453 1.18 33.90 37.67
N HIS B 454 -0.10 34.21 37.46
CA HIS B 454 -0.58 35.58 37.36
C HIS B 454 -1.28 36.04 38.62
N GLY B 455 -1.06 35.32 39.73
CA GLY B 455 -1.64 35.70 41.01
C GLY B 455 -3.13 35.45 41.14
N ASN B 456 -3.69 34.57 40.32
CA ASN B 456 -5.12 34.31 40.29
C ASN B 456 -5.44 32.93 40.86
N MET B 457 -6.70 32.77 41.25
N MET B 457 -6.70 32.77 41.23
CA MET B 457 -7.25 31.48 41.67
CA MET B 457 -7.26 31.49 41.65
C MET B 457 -8.17 30.95 40.58
C MET B 457 -8.17 30.94 40.56
N TRP B 458 -8.60 29.69 40.76
CA TRP B 458 -9.48 29.00 39.81
C TRP B 458 -10.75 28.62 40.54
N VAL B 459 -11.87 29.21 40.13
CA VAL B 459 -13.16 28.97 40.79
C VAL B 459 -14.20 28.71 39.72
N PRO B 460 -14.37 27.46 39.27
CA PRO B 460 -15.25 27.09 38.15
C PRO B 460 -16.74 27.07 38.50
C14 XK6 C . 5.89 -31.63 -18.06
C13 XK6 C . 6.30 -32.17 -16.85
C02 XK6 C . 3.24 -26.58 -15.65
C04 XK6 C . 4.00 -27.91 -15.68
C05 XK6 C . 4.43 -28.51 -14.51
C07 XK6 C . 5.34 -30.30 -15.68
C08 XK6 C . 6.03 -31.50 -15.66
C15 XK6 C . 5.21 -30.41 -18.07
C16 XK6 C . 4.93 -29.75 -16.88
C17 XK6 C . 4.25 -28.56 -16.87
F12 XK6 C . 5.26 -32.61 -13.19
N06 XK6 C . 5.10 -29.68 -14.51
O01 XK6 C . 2.74 -26.14 -14.56
O03 XK6 C . 3.12 -25.94 -16.72
O10 XK6 C . 7.42 -31.27 -13.32
O11 XK6 C . 7.47 -33.33 -14.28
O18 XK6 C . 3.91 -28.08 -17.90
S09 XK6 C . 6.55 -32.20 -14.06
C14 XK6 D . 8.31 -29.31 -21.04
C13 XK6 D . 8.70 -29.43 -19.72
C02 XK6 D . 5.09 -24.07 -20.35
C04 XK6 D . 5.95 -25.25 -19.94
C05 XK6 D . 6.39 -25.42 -18.62
C07 XK6 D . 7.52 -27.38 -19.18
C08 XK6 D . 8.32 -28.48 -18.79
C15 XK6 D . 7.53 -28.23 -21.43
C16 XK6 D . 7.14 -27.26 -20.49
C17 XK6 D . 6.33 -26.18 -20.90
N06 XK6 D . 7.13 -26.46 -18.27
O01 XK6 D . 4.87 -23.10 -19.56
O03 XK6 D . 4.60 -24.07 -21.51
O10 XK6 D . 8.82 -30.13 -16.71
O11 XK6 D . 8.08 -28.03 -16.10
O18 XK6 D . 5.98 -26.08 -22.04
S09 XK6 D . 8.88 -28.72 -17.10
C14 XK6 E . 16.35 13.97 10.10
C13 XK6 E . 17.20 13.74 9.02
C02 XK6 E . 16.87 8.28 12.55
C04 XK6 E . 17.10 9.44 11.58
C05 XK6 E . 17.94 9.29 10.48
C07 XK6 E . 17.55 11.48 9.79
C08 XK6 E . 17.80 12.50 8.87
C15 XK6 E . 16.10 12.96 11.00
C16 XK6 E . 16.71 11.70 10.84
C17 XK6 E . 16.47 10.66 11.77
N06 XK6 E . 18.15 10.28 9.62
O01 XK6 E . 15.97 8.35 13.42
O03 XK6 E . 17.59 7.25 12.45
O10 XK6 E . 18.94 13.33 6.55
O11 XK6 E . 20.30 11.98 7.85
O18 XK6 E . 15.76 10.83 12.68
S09 XK6 E . 18.90 12.18 7.47
C1 EDO F . 0.34 -15.92 -10.83
O1 EDO F . 1.47 -15.10 -11.18
C2 EDO F . 0.83 -17.14 -10.04
O2 EDO F . 1.43 -16.72 -8.82
C14 XK6 G . -16.19 18.75 27.62
C13 XK6 G . -17.40 18.16 27.27
C02 XK6 G . -12.56 14.78 24.54
C04 XK6 G . -13.85 15.43 25.08
C05 XK6 G . -15.09 14.90 24.74
C07 XK6 G . -16.21 16.50 25.98
C08 XK6 G . -17.41 17.04 26.45
C15 XK6 G . -15.00 18.20 27.16
C16 XK6 G . -15.01 17.08 26.35
C17 XK6 G . -13.83 16.54 25.89
F12 XK6 G . -19.07 14.78 26.54
N06 XK6 G . -16.24 15.42 25.19
O01 XK6 G . -11.47 15.40 24.59
O03 XK6 G . -12.60 13.62 24.03
O10 XK6 G . -19.20 16.32 24.53
O11 XK6 G . -20.12 17.10 26.45
O18 XK6 G . -12.80 17.05 26.20
S09 XK6 G . -18.99 16.29 25.97
C14 XK6 H . -2.52 4.32 -23.28
C13 XK6 H . -2.52 5.68 -23.05
C02 XK6 H . -8.19 3.30 -20.91
C04 XK6 H . -6.94 4.06 -21.34
C05 XK6 H . -6.85 5.44 -21.13
C07 XK6 H . -4.74 5.51 -22.08
C08 XK6 H . -3.62 6.27 -22.44
C15 XK6 H . -3.63 3.57 -22.93
C16 XK6 H . -4.74 4.17 -22.32
C17 XK6 H . -5.86 3.42 -21.94
N06 XK6 H . -5.79 6.13 -21.50
O01 XK6 H . -9.22 3.93 -20.57
O03 XK6 H . -8.17 2.04 -20.89
O10 XK6 H . -2.45 8.68 -22.66
O11 XK6 H . -4.76 8.69 -22.80
O18 XK6 H . -5.88 2.25 -22.14
S09 XK6 H . -3.65 8.05 -22.08
C14 XK6 I . -14.03 22.14 26.31
C13 XK6 I . -14.99 21.53 25.52
C02 XK6 I . -9.18 19.06 24.03
C04 XK6 I . -10.64 19.47 24.19
C05 XK6 I . -11.66 18.89 23.41
C07 XK6 I . -13.28 20.19 24.44
C08 XK6 I . -14.64 20.56 24.58
C15 XK6 I . -12.70 21.79 26.18
C16 XK6 I . -12.34 20.80 25.24
C17 XK6 I . -10.99 20.44 25.12
N06 XK6 I . -12.93 19.25 23.54
O01 XK6 I . -8.35 19.46 24.90
O03 XK6 I . -8.81 18.31 23.08
O10 XK6 I . -17.14 19.70 24.44
O11 XK6 I . -15.66 18.42 23.24
O18 XK6 I . -10.18 20.98 25.82
S09 XK6 I . -15.96 19.82 23.58
C14 XK6 J . 10.90 37.03 23.08
C13 XK6 J . 10.63 36.50 24.33
C02 XK6 J . 16.97 37.68 23.94
C04 XK6 J . 15.52 37.32 24.24
C05 XK6 J . 15.19 36.78 25.48
C07 XK6 J . 12.96 36.65 24.90
C08 XK6 J . 11.66 36.30 25.23
C15 XK6 J . 12.20 37.37 22.74
C16 XK6 J . 13.23 37.19 23.64
C17 XK6 J . 14.52 37.52 23.34
F12 XK6 J . 12.57 35.92 27.87
N06 XK6 J . 13.94 36.45 25.79
O01 XK6 J . 17.23 38.61 23.11
O03 XK6 J . 17.91 37.05 24.51
O10 XK6 J . 11.10 34.16 26.84
O11 XK6 J . 10.06 36.09 27.40
O18 XK6 J . 14.77 37.99 22.26
S09 XK6 J . 11.34 35.60 26.88
C1 EDO K . -6.21 8.55 16.29
O1 EDO K . -5.89 9.50 15.27
C2 EDO K . -7.72 8.40 16.44
O2 EDO K . -8.33 8.06 15.19
#